data_8SX7
#
_entry.id   8SX7
#
_cell.length_a   1.00
_cell.length_b   1.00
_cell.length_c   1.00
_cell.angle_alpha   90.00
_cell.angle_beta   90.00
_cell.angle_gamma   90.00
#
_symmetry.space_group_name_H-M   'P 1'
#
loop_
_entity.id
_entity.type
_entity.pdbx_description
1 polymer 'Multidrug resistance-associated protein 4'
2 non-polymer '17-oxoandrost-5-en-3beta-yl hydrogen sulfate'
3 water water
#
_entity_poly.entity_id   1
_entity_poly.type   'polypeptide(L)'
_entity_poly.pdbx_seq_one_letter_code
;MQPVYPEVKPNPLRNANLCSRIFFWWLNPLFKIGHKRRLEEDDMYSVLPEDRSQHLGEELQGYWDQEVLRAEKDAREPSL
TKAIIKCYWKSYVVLGIFTLIEESTRVVQPIILGKIIGYFENYDPSDSAALYEAHGYAGVLSACTLVLAILHHLYFYHVQ
CAGMRLRVAMCHMIYRKALRLSNSAMGKTTTGQIVNLLSNDVNKFDQVTIFLHFLWAGPLQAIVVTALLWMEIGISCLAG
MAVLIILLPLQSCIGKLFSSLRSKTAAFTDTRIRTMNEVITGIRIIKMYAWEKSFADLITNLRRKEISKILRSSYLRGMN
LASFFVASKIIVFVTFTTYVFLGNVITASRVFVAVSLYGAVRLTVTLFFPSAVEKVSEAFVSIRRIKNFLLLDEITQLHS
QLPSDGKMIVNVQDFTAFWDKASDTPTLQSLSFTVRPGELLAVVGPVGAGKSSLLSAVLGELPPNQGQVSVHGRIAYVSQ
QPWVFSGTVRSNILFGKKYEKERYEKVIKACALKKDLQLLEDGDLTMIGDRGTTLSGGQKARVNLARAVYQDADIYLLDD
PLSAVDAEVSRHLFELCICQALHEKIRILVTHQLQYLKAASQILILKDGQMVQKGTYTEFLKSGIDFGSLLKKENEEAEP
SPVPGSPTLRNRTFSESSVWSQQSSRPSLKEATPEGQDTENIQVTLTEESRSEGKVGFKAYKNYFTAGAHWFIIIFLILV
NLAAQVSYILQDWWLSYWANQQSALNVTVNGQGNVTEKLDLNWYLGIYSGLTASTVLFGIVRSLLVFFVLVSSSQTLHNQ
MFESILRAPVLFFDRNPIGRILNRFSKDIGHMDDLLPLTYLDFIQTFLQVIGVVGVAVAVIPWIAIPLVPLGIVFFVLRR
YFLETSRDVKRLESTTRSPVFSHLSSSLQGLWTIRAYKAEQRFQELFDSHQDLHSEAWFLFLTTSRWFAVRLDAICAVFV
IVVAFGSLILAKTLDAGQVGLALSYALTLMGMFQWCVRQSAEVENMMISVERVIEYTDLEKEAPWEYQKRPLPSWPHEGV
IIFDNVNFSYSLDGPLVLKHLTALIKSKEKVGIVGRTGAGKSSLIAALFRLSEPEGKIWIDKILTTEIGLHDLRKKMSII
PQEPVLFTGTMRKNLDPFNEHSDEELWNALEEVQLKEAIEDLPGKMDTELAESGSNFSVGQRQLVCLARAILRKNRILII
DEATANVDPRTDELIQKKIREKFAHCTVLTIAHRLNTIIDSDKIMVLDSGRLKEYDEPYVLLQNRDSLFYKMVQQLGKAE
AAALTETAKQVYFKRNYPDITHNGHVVMNASSGQPSAFTIFETAL
;
_entity_poly.pdbx_strand_id   A
#
# COMPACT_ATOMS: atom_id res chain seq x y z
N PRO A 10 18.60 24.66 7.70
CA PRO A 10 18.19 26.06 7.77
C PRO A 10 16.69 26.25 7.87
N ASN A 11 16.23 27.05 8.83
CA ASN A 11 14.81 27.30 9.01
C ASN A 11 14.61 28.67 9.65
N PRO A 12 13.97 29.62 8.95
CA PRO A 12 13.78 30.95 9.54
C PRO A 12 12.85 30.99 10.75
N LEU A 13 12.10 29.92 11.03
CA LEU A 13 11.28 29.89 12.25
C LEU A 13 12.14 30.08 13.50
N ARG A 14 13.44 29.76 13.42
CA ARG A 14 14.35 30.08 14.51
C ARG A 14 14.47 31.58 14.73
N ASN A 15 14.59 32.35 13.65
CA ASN A 15 14.81 33.79 13.72
C ASN A 15 13.52 34.59 13.83
N ALA A 16 12.40 34.02 13.44
CA ALA A 16 11.13 34.75 13.38
C ALA A 16 10.75 35.34 14.73
N ASN A 17 10.37 36.61 14.72
CA ASN A 17 9.68 37.23 15.86
C ASN A 17 8.37 36.51 16.17
N LEU A 18 7.89 36.72 17.38
CA LEU A 18 6.68 36.04 17.85
C LEU A 18 5.54 36.08 16.83
N CYS A 19 5.21 37.28 16.34
CA CYS A 19 4.18 37.40 15.30
C CYS A 19 4.47 36.48 14.12
N SER A 20 5.71 36.49 13.63
CA SER A 20 6.07 35.64 12.50
C SER A 20 6.06 34.16 12.84
N ARG A 21 6.33 33.79 14.09
CA ARG A 21 6.13 32.41 14.52
C ARG A 21 4.65 32.01 14.47
N ILE A 22 3.76 32.88 14.95
CA ILE A 22 2.35 32.54 15.02
C ILE A 22 1.72 32.48 13.62
N PHE A 23 1.93 33.51 12.81
CA PHE A 23 1.27 33.64 11.51
C PHE A 23 2.06 33.08 10.34
N PHE A 24 3.23 32.48 10.59
CA PHE A 24 4.06 31.84 9.57
C PHE A 24 4.47 32.75 8.41
N TRP A 25 4.60 34.07 8.66
CA TRP A 25 5.01 34.98 7.61
C TRP A 25 6.30 34.56 6.91
N TRP A 26 7.16 33.80 7.58
CA TRP A 26 8.42 33.40 6.97
C TRP A 26 8.28 32.42 5.81
N LEU A 27 7.10 31.84 5.60
CA LEU A 27 6.86 31.07 4.38
C LEU A 27 6.67 31.93 3.13
N ASN A 28 6.40 33.23 3.29
CA ASN A 28 6.08 34.08 2.15
C ASN A 28 7.06 34.01 0.99
N PRO A 29 8.37 34.10 1.19
CA PRO A 29 9.28 33.89 0.05
C PRO A 29 9.05 32.58 -0.68
N LEU A 30 8.76 31.48 0.01
CA LEU A 30 8.49 30.24 -0.71
C LEU A 30 7.17 30.29 -1.48
N PHE A 31 6.16 31.01 -0.99
CA PHE A 31 4.97 31.28 -1.80
C PHE A 31 5.31 32.04 -3.08
N LYS A 32 6.04 33.14 -2.96
CA LYS A 32 6.50 33.88 -4.13
C LYS A 32 7.20 32.95 -5.13
N ILE A 33 8.23 32.23 -4.68
CA ILE A 33 8.88 31.23 -5.54
C ILE A 33 7.86 30.30 -6.17
N GLY A 34 7.06 29.63 -5.36
CA GLY A 34 6.13 28.64 -5.89
C GLY A 34 5.14 29.18 -6.91
N HIS A 35 4.61 30.39 -6.67
CA HIS A 35 3.78 31.03 -7.69
C HIS A 35 4.53 31.23 -9.00
N LYS A 36 5.82 31.59 -8.94
CA LYS A 36 6.58 31.84 -10.16
C LYS A 36 7.12 30.56 -10.79
N ARG A 37 7.34 29.51 -10.01
CA ARG A 37 7.90 28.28 -10.54
C ARG A 37 7.47 27.10 -9.68
N ARG A 38 7.56 25.91 -10.26
CA ARG A 38 7.24 24.66 -9.58
C ARG A 38 8.25 24.32 -8.49
N LEU A 39 7.76 24.15 -7.26
CA LEU A 39 8.62 23.82 -6.12
C LEU A 39 9.18 22.40 -6.22
N GLU A 40 10.43 22.25 -5.80
CA GLU A 40 11.18 21.00 -5.84
C GLU A 40 11.72 20.64 -4.46
N GLU A 41 12.33 19.46 -4.40
CA GLU A 41 12.76 18.85 -3.14
C GLU A 41 13.63 19.78 -2.30
N ASP A 42 14.46 20.60 -2.93
CA ASP A 42 15.41 21.45 -2.22
C ASP A 42 14.89 22.85 -1.94
N ASP A 43 13.64 23.14 -2.27
CA ASP A 43 13.03 24.42 -1.91
C ASP A 43 12.38 24.37 -0.54
N MET A 44 12.98 23.63 0.40
CA MET A 44 12.28 23.03 1.54
C MET A 44 13.12 23.16 2.81
N TYR A 45 12.70 24.07 3.69
CA TYR A 45 13.38 24.36 4.95
C TYR A 45 13.44 23.14 5.88
N SER A 46 14.51 23.05 6.67
CA SER A 46 14.76 21.87 7.51
C SER A 46 14.04 21.94 8.86
N VAL A 47 13.75 20.76 9.43
CA VAL A 47 13.07 20.64 10.73
C VAL A 47 14.00 21.06 11.88
N LEU A 48 13.38 21.58 12.95
CA LEU A 48 14.09 22.00 14.15
C LEU A 48 14.65 20.79 14.94
N PRO A 49 15.65 21.01 15.79
CA PRO A 49 16.27 19.89 16.53
C PRO A 49 15.32 19.10 17.43
N GLU A 50 14.22 19.70 17.88
CA GLU A 50 13.22 18.95 18.65
C GLU A 50 12.61 17.82 17.83
N ASP A 51 12.39 18.05 16.53
CA ASP A 51 11.72 17.12 15.64
C ASP A 51 12.65 16.08 15.04
N ARG A 52 13.96 16.23 15.19
CA ARG A 52 14.91 15.30 14.62
C ARG A 52 14.63 13.87 15.10
N SER A 53 14.54 12.95 14.14
CA SER A 53 14.05 11.60 14.39
C SER A 53 14.85 10.86 15.46
N GLN A 54 16.18 10.89 15.36
CA GLN A 54 17.02 10.20 16.33
C GLN A 54 16.76 10.67 17.74
N HIS A 55 17.05 11.94 18.02
CA HIS A 55 16.81 12.51 19.34
C HIS A 55 15.42 12.18 19.85
N LEU A 56 14.44 12.17 18.95
CA LEU A 56 13.03 12.05 19.30
C LEU A 56 12.59 10.60 19.51
N GLY A 57 13.24 9.65 18.87
CA GLY A 57 12.95 8.25 19.14
C GLY A 57 13.72 7.67 20.30
N GLU A 58 14.94 8.14 20.52
CA GLU A 58 15.73 7.68 21.65
C GLU A 58 15.00 7.83 22.98
N GLU A 59 14.29 8.93 23.17
CA GLU A 59 13.59 9.13 24.44
C GLU A 59 12.53 8.07 24.68
N LEU A 60 11.63 7.86 23.72
CA LEU A 60 10.59 6.84 23.88
C LEU A 60 11.18 5.46 24.11
N GLN A 61 12.24 5.10 23.40
CA GLN A 61 12.90 3.84 23.69
C GLN A 61 13.40 3.80 25.13
N GLY A 62 13.95 4.91 25.62
CA GLY A 62 14.40 4.92 27.01
C GLY A 62 13.29 4.58 27.98
N TYR A 63 12.11 5.16 27.78
CA TYR A 63 11.01 4.87 28.69
C TYR A 63 10.45 3.47 28.47
N TRP A 64 10.53 2.94 27.25
CA TRP A 64 10.11 1.55 27.01
C TRP A 64 11.01 0.59 27.76
N ASP A 65 12.31 0.85 27.75
CA ASP A 65 13.23 0.06 28.57
C ASP A 65 12.82 0.10 30.04
N GLN A 66 12.49 1.29 30.54
CA GLN A 66 12.09 1.44 31.94
C GLN A 66 10.87 0.58 32.27
N GLU A 67 9.80 0.70 31.48
CA GLU A 67 8.59 -0.07 31.79
C GLU A 67 8.79 -1.56 31.61
N VAL A 68 9.62 -1.98 30.67
CA VAL A 68 9.93 -3.40 30.55
C VAL A 68 10.60 -3.92 31.81
N LEU A 69 11.54 -3.15 32.35
CA LEU A 69 12.22 -3.57 33.58
C LEU A 69 11.24 -3.64 34.74
N ARG A 70 10.35 -2.65 34.87
CA ARG A 70 9.42 -2.66 35.99
C ARG A 70 8.48 -3.85 35.90
N ALA A 71 7.92 -4.13 34.72
CA ALA A 71 7.09 -5.31 34.55
C ALA A 71 7.88 -6.59 34.78
N GLU A 72 9.17 -6.58 34.41
CA GLU A 72 10.01 -7.75 34.62
C GLU A 72 10.20 -8.04 36.11
N LYS A 73 10.27 -6.99 36.94
CA LYS A 73 10.43 -7.21 38.36
C LYS A 73 9.16 -7.75 39.00
N ASP A 74 8.00 -7.34 38.49
CA ASP A 74 6.76 -8.03 38.80
C ASP A 74 6.67 -9.27 37.90
N ALA A 75 5.50 -9.88 37.81
CA ALA A 75 5.25 -10.96 36.87
C ALA A 75 4.47 -10.50 35.65
N ARG A 76 3.87 -9.33 35.69
CA ARG A 76 2.94 -8.90 34.65
C ARG A 76 3.68 -8.65 33.34
N GLU A 77 2.90 -8.65 32.25
CA GLU A 77 3.43 -8.28 30.94
C GLU A 77 3.50 -6.76 30.83
N PRO A 78 4.55 -6.22 30.21
CA PRO A 78 4.68 -4.76 30.14
C PRO A 78 3.62 -4.12 29.26
N SER A 79 3.41 -2.84 29.49
CA SER A 79 2.44 -2.04 28.75
C SER A 79 3.17 -0.98 27.94
N LEU A 80 2.85 -0.89 26.64
CA LEU A 80 3.47 0.12 25.80
C LEU A 80 2.75 1.46 25.90
N THR A 81 1.43 1.44 26.09
CA THR A 81 0.72 2.67 26.42
C THR A 81 1.33 3.36 27.63
N LYS A 82 1.87 2.58 28.57
CA LYS A 82 2.48 3.17 29.75
C LYS A 82 3.78 3.89 29.42
N ALA A 83 4.61 3.31 28.55
CA ALA A 83 5.83 4.00 28.15
C ALA A 83 5.51 5.29 27.41
N ILE A 84 4.50 5.25 26.53
CA ILE A 84 4.13 6.44 25.76
C ILE A 84 3.69 7.57 26.68
N ILE A 85 2.86 7.26 27.68
CA ILE A 85 2.39 8.30 28.60
C ILE A 85 3.53 8.85 29.44
N LYS A 86 4.30 7.96 30.08
CA LYS A 86 5.45 8.40 30.88
C LYS A 86 6.40 9.28 30.10
N CYS A 87 6.50 9.08 28.78
CA CYS A 87 7.35 9.93 27.95
C CYS A 87 6.71 11.29 27.68
N TYR A 88 5.58 11.30 26.99
CA TYR A 88 5.04 12.48 26.35
C TYR A 88 4.05 13.28 27.19
N TRP A 89 3.79 12.90 28.44
CA TRP A 89 2.73 13.59 29.15
C TRP A 89 3.13 15.02 29.51
N LYS A 90 4.38 15.26 29.88
CA LYS A 90 4.74 16.60 30.35
C LYS A 90 4.62 17.65 29.24
N SER A 91 4.89 17.30 27.98
CA SER A 91 4.71 18.24 26.88
C SER A 91 3.24 18.37 26.50
N TYR A 92 2.55 17.25 26.39
CA TYR A 92 1.18 17.25 25.88
C TYR A 92 0.21 17.92 26.85
N VAL A 93 0.47 17.86 28.16
CA VAL A 93 -0.54 18.35 29.09
C VAL A 93 -0.65 19.87 29.06
N VAL A 94 0.45 20.59 28.82
CA VAL A 94 0.36 22.04 28.84
C VAL A 94 -0.43 22.57 27.64
N LEU A 95 -0.43 21.83 26.51
CA LEU A 95 -1.34 22.13 25.40
C LEU A 95 -2.78 22.29 25.85
N GLY A 96 -3.16 21.74 26.99
CA GLY A 96 -4.51 21.89 27.47
C GLY A 96 -4.83 23.30 27.92
N ILE A 97 -3.82 24.17 28.06
CA ILE A 97 -4.11 25.57 28.38
C ILE A 97 -4.73 26.26 27.17
N PHE A 98 -4.25 25.98 25.96
CA PHE A 98 -4.99 26.37 24.76
C PHE A 98 -6.43 25.89 24.83
N THR A 99 -6.60 24.58 25.04
CA THR A 99 -7.94 24.01 25.12
C THR A 99 -8.74 24.70 26.21
N LEU A 100 -8.13 24.95 27.36
CA LEU A 100 -8.87 25.53 28.49
C LEU A 100 -9.30 26.95 28.17
N ILE A 101 -8.36 27.80 27.73
CA ILE A 101 -8.70 29.18 27.41
C ILE A 101 -9.62 29.24 26.20
N GLU A 102 -9.39 28.38 25.21
CA GLU A 102 -10.21 28.37 24.01
C GLU A 102 -11.66 28.01 24.32
N GLU A 103 -11.87 26.93 25.09
CA GLU A 103 -13.23 26.52 25.40
C GLU A 103 -13.90 27.49 26.37
N SER A 104 -13.14 28.14 27.25
CA SER A 104 -13.72 29.15 28.12
C SER A 104 -14.17 30.38 27.33
N THR A 105 -13.36 30.85 26.39
CA THR A 105 -13.80 31.96 25.54
C THR A 105 -14.95 31.55 24.64
N ARG A 106 -14.96 30.28 24.22
CA ARG A 106 -16.06 29.73 23.44
C ARG A 106 -17.38 29.77 24.17
N VAL A 107 -17.38 29.63 25.50
CA VAL A 107 -18.61 29.76 26.26
C VAL A 107 -18.91 31.20 26.67
N VAL A 108 -17.90 32.06 26.71
CA VAL A 108 -18.16 33.48 26.96
C VAL A 108 -18.77 34.13 25.72
N GLN A 109 -18.24 33.80 24.54
CA GLN A 109 -18.65 34.49 23.32
C GLN A 109 -20.14 34.41 23.03
N PRO A 110 -20.84 33.30 23.26
CA PRO A 110 -22.32 33.34 23.23
C PRO A 110 -22.94 34.40 24.11
N ILE A 111 -22.31 34.77 25.24
CA ILE A 111 -22.87 35.80 26.11
C ILE A 111 -22.76 37.18 25.47
N ILE A 112 -21.60 37.50 24.88
CA ILE A 112 -21.46 38.74 24.12
C ILE A 112 -22.46 38.80 22.98
N LEU A 113 -22.52 37.75 22.17
CA LEU A 113 -23.58 37.63 21.17
C LEU A 113 -24.95 37.96 21.74
N GLY A 114 -25.27 37.39 22.90
CA GLY A 114 -26.55 37.68 23.52
C GLY A 114 -26.76 39.14 23.85
N LYS A 115 -25.73 39.84 24.31
CA LYS A 115 -25.88 41.27 24.59
C LYS A 115 -25.99 42.12 23.33
N ILE A 116 -25.33 41.73 22.23
CA ILE A 116 -25.57 42.39 20.94
C ILE A 116 -27.03 42.23 20.52
N ILE A 117 -27.51 40.98 20.46
CA ILE A 117 -28.90 40.75 20.08
C ILE A 117 -29.83 41.50 21.03
N GLY A 118 -29.43 41.64 22.29
CA GLY A 118 -30.20 42.44 23.24
C GLY A 118 -30.43 43.88 22.82
N TYR A 119 -29.46 44.49 22.12
CA TYR A 119 -29.65 45.86 21.64
C TYR A 119 -30.74 45.97 20.58
N PHE A 120 -30.90 44.95 19.74
CA PHE A 120 -32.01 44.93 18.79
C PHE A 120 -33.33 44.58 19.45
N GLU A 121 -33.32 43.68 20.43
CA GLU A 121 -34.56 43.36 21.14
C GLU A 121 -35.15 44.59 21.84
N ASN A 122 -34.31 45.51 22.32
CA ASN A 122 -34.79 46.71 23.01
C ASN A 122 -34.46 48.01 22.26
N TYR A 123 -34.21 47.94 20.96
CA TYR A 123 -33.75 49.08 20.16
C TYR A 123 -34.67 50.29 20.30
N ASP A 124 -34.09 51.41 20.74
CA ASP A 124 -34.79 52.67 21.01
C ASP A 124 -34.27 53.77 20.09
N PRO A 125 -35.13 54.71 19.67
CA PRO A 125 -34.76 55.56 18.52
C PRO A 125 -33.69 56.61 18.81
N SER A 126 -33.40 56.93 20.07
CA SER A 126 -32.69 58.17 20.38
C SER A 126 -31.69 58.05 21.54
N ASP A 127 -31.38 56.85 22.01
CA ASP A 127 -30.39 56.65 23.07
C ASP A 127 -28.99 56.50 22.48
N SER A 128 -28.18 57.57 22.60
CA SER A 128 -26.81 57.56 22.09
C SER A 128 -25.91 56.62 22.89
N ALA A 129 -26.02 56.63 24.22
CA ALA A 129 -25.16 55.81 25.06
C ALA A 129 -25.37 54.32 24.81
N ALA A 130 -26.60 53.91 24.52
CA ALA A 130 -26.85 52.51 24.15
C ALA A 130 -26.06 52.13 22.90
N LEU A 131 -26.14 52.96 21.86
CA LEU A 131 -25.43 52.68 20.62
C LEU A 131 -23.93 52.54 20.84
N TYR A 132 -23.36 53.39 21.68
CA TYR A 132 -21.93 53.34 21.97
C TYR A 132 -21.52 52.07 22.71
N GLU A 133 -22.32 51.63 23.68
CA GLU A 133 -22.05 50.36 24.37
C GLU A 133 -22.20 49.16 23.44
N ALA A 134 -23.21 49.14 22.58
CA ALA A 134 -23.35 48.06 21.61
C ALA A 134 -22.13 47.95 20.71
N HIS A 135 -21.65 49.08 20.21
CA HIS A 135 -20.38 49.08 19.47
C HIS A 135 -19.24 48.51 20.30
N GLY A 136 -19.17 48.85 21.59
CA GLY A 136 -18.20 48.22 22.47
C GLY A 136 -18.26 46.70 22.50
N TYR A 137 -19.45 46.13 22.76
CA TYR A 137 -19.62 44.68 22.69
C TYR A 137 -19.29 44.11 21.33
N ALA A 138 -19.72 44.77 20.26
CA ALA A 138 -19.37 44.31 18.92
C ALA A 138 -17.86 44.26 18.73
N GLY A 139 -17.12 45.27 19.21
CA GLY A 139 -15.68 45.17 19.23
C GLY A 139 -15.13 44.05 20.08
N VAL A 140 -15.67 43.87 21.29
CA VAL A 140 -15.31 42.72 22.13
C VAL A 140 -15.58 41.41 21.43
N LEU A 141 -16.75 41.29 20.76
CA LEU A 141 -17.05 40.09 19.99
C LEU A 141 -16.04 39.86 18.88
N SER A 142 -15.72 40.91 18.13
CA SER A 142 -14.69 40.81 17.11
C SER A 142 -13.36 40.35 17.70
N ALA A 143 -12.96 40.94 18.83
CA ALA A 143 -11.70 40.53 19.46
C ALA A 143 -11.77 39.09 19.96
N CYS A 144 -12.89 38.69 20.58
CA CYS A 144 -13.05 37.30 20.97
C CYS A 144 -12.89 36.36 19.77
N THR A 145 -13.45 36.74 18.63
CA THR A 145 -13.34 35.91 17.44
C THR A 145 -11.89 35.77 16.99
N LEU A 146 -11.13 36.86 16.99
CA LEU A 146 -9.73 36.78 16.61
C LEU A 146 -8.94 35.90 17.58
N VAL A 147 -9.19 36.07 18.87
CA VAL A 147 -8.47 35.28 19.88
C VAL A 147 -8.84 33.81 19.74
N LEU A 148 -10.12 33.51 19.55
CA LEU A 148 -10.53 32.13 19.34
C LEU A 148 -9.83 31.53 18.12
N ALA A 149 -9.83 32.26 17.01
CA ALA A 149 -9.14 31.80 15.81
C ALA A 149 -7.68 31.48 16.08
N ILE A 150 -6.97 32.42 16.72
CA ILE A 150 -5.54 32.23 17.00
C ILE A 150 -5.31 31.04 17.92
N LEU A 151 -6.06 30.93 19.02
CA LEU A 151 -5.89 29.80 19.92
C LEU A 151 -6.23 28.48 19.24
N HIS A 152 -7.36 28.42 18.53
CA HIS A 152 -7.66 27.28 17.68
C HIS A 152 -6.45 26.88 16.84
N HIS A 153 -5.88 27.82 16.10
CA HIS A 153 -4.80 27.48 15.18
C HIS A 153 -3.51 27.06 15.90
N LEU A 154 -3.13 27.76 16.97
CA LEU A 154 -2.04 27.28 17.82
C LEU A 154 -2.28 25.85 18.30
N TYR A 155 -3.40 25.60 18.97
CA TYR A 155 -3.67 24.26 19.50
C TYR A 155 -3.57 23.19 18.42
N PHE A 156 -4.30 23.35 17.32
CA PHE A 156 -4.30 22.33 16.28
C PHE A 156 -2.94 22.18 15.64
N TYR A 157 -2.25 23.29 15.37
CA TYR A 157 -0.89 23.17 14.86
C TYR A 157 0.01 22.37 15.82
N HIS A 158 -0.10 22.59 17.13
CA HIS A 158 0.77 21.92 18.11
C HIS A 158 0.41 20.46 18.37
N VAL A 159 -0.87 20.11 18.47
CA VAL A 159 -1.23 18.71 18.61
C VAL A 159 -0.83 17.91 17.37
N GLN A 160 -0.95 18.52 16.20
CA GLN A 160 -0.48 17.86 15.00
C GLN A 160 1.01 17.61 15.05
N CYS A 161 1.81 18.58 15.50
CA CYS A 161 3.23 18.31 15.72
C CYS A 161 3.45 17.21 16.76
N ALA A 162 2.63 17.18 17.80
CA ALA A 162 2.70 16.11 18.78
C ALA A 162 2.49 14.75 18.13
N GLY A 163 1.40 14.60 17.40
CA GLY A 163 1.15 13.38 16.65
C GLY A 163 2.25 13.04 15.66
N MET A 164 2.80 14.03 14.97
CA MET A 164 3.91 13.73 14.08
C MET A 164 5.08 13.14 14.84
N ARG A 165 5.46 13.76 15.96
CA ARG A 165 6.60 13.26 16.73
C ARG A 165 6.34 11.87 17.30
N LEU A 166 5.12 11.61 17.79
CA LEU A 166 4.76 10.27 18.22
C LEU A 166 4.95 9.26 17.10
N ARG A 167 4.37 9.51 15.94
CA ARG A 167 4.62 8.63 14.79
C ARG A 167 6.11 8.48 14.51
N VAL A 168 6.85 9.58 14.53
CA VAL A 168 8.27 9.53 14.19
C VAL A 168 9.04 8.67 15.18
N ALA A 169 8.84 8.91 16.48
CA ALA A 169 9.46 8.08 17.50
C ALA A 169 9.06 6.61 17.37
N MET A 170 7.77 6.36 17.20
CA MET A 170 7.29 4.99 17.04
C MET A 170 7.92 4.29 15.84
N CYS A 171 7.91 4.95 14.68
CA CYS A 171 8.57 4.40 13.50
C CYS A 171 10.05 4.15 13.76
N HIS A 172 10.74 5.08 14.43
CA HIS A 172 12.13 4.83 14.82
C HIS A 172 12.28 3.55 15.62
N MET A 173 11.44 3.35 16.64
CA MET A 173 11.47 2.13 17.43
C MET A 173 11.17 0.88 16.60
N ILE A 174 10.10 0.91 15.81
CA ILE A 174 9.80 -0.21 14.93
C ILE A 174 11.01 -0.56 14.09
N TYR A 175 11.60 0.43 13.45
CA TYR A 175 12.79 0.16 12.65
C TYR A 175 13.92 -0.39 13.52
N ARG A 176 14.08 0.15 14.73
CA ARG A 176 15.15 -0.32 15.61
C ARG A 176 14.93 -1.77 16.01
N LYS A 177 13.68 -2.14 16.33
CA LYS A 177 13.36 -3.51 16.68
C LYS A 177 13.57 -4.44 15.50
N ALA A 178 13.08 -4.05 14.33
CA ALA A 178 13.18 -4.91 13.15
C ALA A 178 14.61 -5.34 12.88
N LEU A 179 15.60 -4.53 13.24
CA LEU A 179 16.98 -4.88 12.91
C LEU A 179 17.52 -6.02 13.77
N ARG A 180 16.88 -6.33 14.90
CA ARG A 180 17.41 -7.29 15.85
C ARG A 180 16.54 -8.52 16.03
N LEU A 181 15.41 -8.64 15.32
CA LEU A 181 14.58 -9.83 15.40
C LEU A 181 15.41 -11.08 15.21
N SER A 182 15.11 -12.11 16.01
CA SER A 182 15.70 -13.43 15.82
C SER A 182 15.15 -14.07 14.55
N ASN A 183 15.93 -15.00 13.99
CA ASN A 183 15.50 -15.68 12.78
C ASN A 183 14.22 -16.48 12.99
N SER A 184 13.93 -16.89 14.23
CA SER A 184 12.64 -17.48 14.52
C SER A 184 11.53 -16.44 14.41
N ALA A 185 11.75 -15.25 14.97
CA ALA A 185 10.78 -14.17 14.82
C ALA A 185 10.64 -13.74 13.37
N MET A 186 11.74 -13.78 12.61
CA MET A 186 11.67 -13.52 11.18
C MET A 186 10.92 -14.59 10.42
N GLY A 187 10.64 -15.73 11.05
CA GLY A 187 9.90 -16.80 10.38
C GLY A 187 8.41 -16.62 10.51
N LYS A 188 7.93 -16.36 11.73
CA LYS A 188 6.51 -16.14 11.94
C LYS A 188 6.06 -14.77 11.45
N THR A 189 6.98 -13.83 11.26
CA THR A 189 6.66 -12.49 10.78
C THR A 189 7.32 -12.28 9.42
N THR A 190 6.53 -11.82 8.45
CA THR A 190 6.98 -11.64 7.08
C THR A 190 6.94 -10.16 6.71
N THR A 191 7.77 -9.81 5.73
CA THR A 191 7.99 -8.40 5.38
C THR A 191 6.68 -7.62 5.25
N GLY A 192 5.65 -8.23 4.67
CA GLY A 192 4.42 -7.51 4.42
C GLY A 192 3.76 -7.03 5.69
N GLN A 193 3.82 -7.83 6.76
CA GLN A 193 3.20 -7.42 8.02
C GLN A 193 3.94 -6.25 8.66
N ILE A 194 5.27 -6.32 8.70
CA ILE A 194 6.05 -5.24 9.29
C ILE A 194 5.87 -3.96 8.51
N VAL A 195 5.86 -4.03 7.19
CA VAL A 195 5.69 -2.83 6.39
C VAL A 195 4.28 -2.28 6.54
N ASN A 196 3.29 -3.16 6.70
CA ASN A 196 1.95 -2.66 7.00
C ASN A 196 1.89 -1.92 8.33
N LEU A 197 2.75 -2.27 9.29
CA LEU A 197 2.85 -1.46 10.51
C LEU A 197 3.02 0.02 10.18
N LEU A 198 4.11 0.36 9.49
CA LEU A 198 4.36 1.76 9.11
C LEU A 198 3.28 2.28 8.18
N SER A 199 2.95 1.54 7.13
CA SER A 199 2.06 2.01 6.08
C SER A 199 0.62 2.18 6.54
N ASN A 200 0.23 1.52 7.64
CA ASN A 200 -1.16 1.50 8.07
C ASN A 200 -1.31 1.86 9.55
N ASP A 201 -0.63 1.13 10.44
CA ASP A 201 -0.91 1.21 11.86
C ASP A 201 -0.31 2.45 12.52
N VAL A 202 0.96 2.75 12.24
CA VAL A 202 1.60 3.90 12.87
C VAL A 202 1.01 5.21 12.39
N ASN A 203 0.48 5.26 11.17
CA ASN A 203 -0.25 6.44 10.71
C ASN A 203 -1.47 6.76 11.55
N LYS A 204 -1.83 5.90 12.49
CA LYS A 204 -2.95 6.17 13.39
C LYS A 204 -2.56 7.09 14.55
N PHE A 205 -1.27 7.28 14.78
CA PHE A 205 -0.79 8.15 15.85
C PHE A 205 -0.87 9.63 15.48
N ASP A 206 -0.87 9.98 14.19
CA ASP A 206 -1.12 11.37 13.83
C ASP A 206 -2.51 11.81 14.26
N GLN A 207 -3.49 10.91 14.22
CA GLN A 207 -4.87 11.23 14.56
C GLN A 207 -5.15 11.13 16.05
N VAL A 208 -4.38 10.33 16.78
CA VAL A 208 -4.64 10.11 18.21
C VAL A 208 -4.60 11.43 18.97
N THR A 209 -3.48 12.15 18.88
CA THR A 209 -3.24 13.31 19.73
C THR A 209 -4.19 14.47 19.47
N ILE A 210 -4.87 14.49 18.33
CA ILE A 210 -5.68 15.67 17.96
C ILE A 210 -6.74 15.95 19.01
N PHE A 211 -7.49 14.93 19.45
CA PHE A 211 -8.70 15.11 20.24
C PHE A 211 -8.62 14.69 21.70
N LEU A 212 -7.46 14.24 22.20
CA LEU A 212 -7.43 13.67 23.54
C LEU A 212 -7.78 14.71 24.60
N HIS A 213 -7.37 15.97 24.42
CA HIS A 213 -7.73 16.98 25.41
C HIS A 213 -9.23 17.22 25.49
N PHE A 214 -10.02 16.66 24.60
CA PHE A 214 -11.47 16.79 24.68
C PHE A 214 -12.12 15.65 25.43
N LEU A 215 -11.34 14.67 25.88
CA LEU A 215 -11.85 13.64 26.79
C LEU A 215 -12.19 14.21 28.15
N TRP A 216 -11.52 15.27 28.59
CA TRP A 216 -11.93 16.00 29.77
C TRP A 216 -12.62 17.33 29.46
N ALA A 217 -12.22 18.01 28.38
CA ALA A 217 -12.79 19.32 28.09
C ALA A 217 -14.21 19.21 27.57
N GLY A 218 -14.54 18.12 26.88
CA GLY A 218 -15.90 17.88 26.42
C GLY A 218 -16.85 17.74 27.59
N PRO A 219 -16.57 16.81 28.49
CA PRO A 219 -17.42 16.69 29.69
C PRO A 219 -17.40 17.91 30.58
N LEU A 220 -16.23 18.49 30.83
CA LEU A 220 -16.18 19.67 31.70
C LEU A 220 -16.90 20.86 31.07
N GLN A 221 -16.74 21.04 29.76
CA GLN A 221 -17.48 22.09 29.06
C GLN A 221 -18.97 21.79 29.02
N ALA A 222 -19.34 20.52 28.96
CA ALA A 222 -20.75 20.17 29.03
C ALA A 222 -21.35 20.53 30.38
N ILE A 223 -20.59 20.33 31.46
CA ILE A 223 -21.06 20.72 32.78
C ILE A 223 -21.14 22.23 32.91
N VAL A 224 -20.11 22.94 32.45
CA VAL A 224 -20.14 24.41 32.49
C VAL A 224 -21.32 24.92 31.68
N VAL A 225 -21.51 24.38 30.48
CA VAL A 225 -22.63 24.81 29.63
C VAL A 225 -23.96 24.47 30.28
N THR A 226 -24.03 23.36 31.03
CA THR A 226 -25.25 23.04 31.75
C THR A 226 -25.56 24.10 32.80
N ALA A 227 -24.53 24.58 33.51
CA ALA A 227 -24.76 25.64 34.48
C ALA A 227 -25.14 26.95 33.81
N LEU A 228 -24.44 27.31 32.73
CA LEU A 228 -24.79 28.52 31.99
C LEU A 228 -26.21 28.46 31.47
N LEU A 229 -26.54 27.38 30.76
CA LEU A 229 -27.91 27.15 30.31
C LEU A 229 -28.90 27.11 31.46
N TRP A 230 -28.48 26.65 32.62
CA TRP A 230 -29.39 26.67 33.76
C TRP A 230 -29.74 28.08 34.17
N MET A 231 -28.83 29.04 34.03
CA MET A 231 -29.19 30.42 34.30
C MET A 231 -29.97 31.03 33.14
N GLU A 232 -29.72 30.57 31.92
CA GLU A 232 -30.46 31.06 30.75
C GLU A 232 -31.93 30.65 30.80
N ILE A 233 -32.20 29.36 30.97
CA ILE A 233 -33.53 28.81 30.71
C ILE A 233 -34.01 27.90 31.83
N GLY A 234 -33.12 27.54 32.75
CA GLY A 234 -33.54 26.72 33.87
C GLY A 234 -33.53 25.23 33.63
N ILE A 235 -34.54 24.54 34.19
CA ILE A 235 -34.55 23.08 34.25
C ILE A 235 -34.61 22.47 32.86
N SER A 236 -35.19 23.16 31.88
CA SER A 236 -35.30 22.65 30.53
C SER A 236 -33.94 22.26 29.94
N CYS A 237 -32.87 22.78 30.51
CA CYS A 237 -31.53 22.36 30.12
C CYS A 237 -31.36 20.85 30.18
N LEU A 238 -32.01 20.20 31.15
CA LEU A 238 -31.70 18.80 31.43
C LEU A 238 -32.19 17.86 30.35
N ALA A 239 -33.27 18.20 29.63
CA ALA A 239 -33.68 17.39 28.50
C ALA A 239 -32.57 17.28 27.47
N GLY A 240 -32.02 18.41 27.06
CA GLY A 240 -30.92 18.38 26.10
C GLY A 240 -29.72 17.63 26.61
N MET A 241 -29.45 17.71 27.93
CA MET A 241 -28.32 16.99 28.50
C MET A 241 -28.61 15.49 28.63
N ALA A 242 -29.86 15.11 28.85
CA ALA A 242 -30.21 13.69 28.80
C ALA A 242 -29.95 13.13 27.40
N VAL A 243 -30.40 13.84 26.37
CA VAL A 243 -30.10 13.44 25.01
C VAL A 243 -28.60 13.35 24.80
N LEU A 244 -27.86 14.29 25.40
CA LEU A 244 -26.41 14.29 25.25
C LEU A 244 -25.77 13.07 25.89
N ILE A 245 -26.25 12.66 27.08
CA ILE A 245 -25.66 11.49 27.74
C ILE A 245 -26.17 10.17 27.20
N ILE A 246 -27.24 10.16 26.41
CA ILE A 246 -27.56 8.96 25.62
C ILE A 246 -26.65 8.88 24.40
N LEU A 247 -26.44 10.00 23.72
CA LEU A 247 -25.57 10.02 22.56
C LEU A 247 -24.14 9.59 22.91
N LEU A 248 -23.67 9.95 24.10
CA LEU A 248 -22.31 9.58 24.49
C LEU A 248 -22.08 8.08 24.46
N PRO A 249 -22.77 7.25 25.24
CA PRO A 249 -22.58 5.80 25.12
C PRO A 249 -22.92 5.27 23.74
N LEU A 250 -24.02 5.75 23.15
CA LEU A 250 -24.44 5.25 21.85
C LEU A 250 -23.37 5.50 20.79
N GLN A 251 -22.87 6.72 20.70
CA GLN A 251 -21.86 7.05 19.69
C GLN A 251 -20.54 6.36 19.98
N SER A 252 -20.21 6.17 21.26
CA SER A 252 -18.96 5.50 21.62
C SER A 252 -19.04 4.01 21.35
N CYS A 253 -20.21 3.41 21.55
CA CYS A 253 -20.40 2.02 21.15
C CYS A 253 -20.29 1.87 19.64
N ILE A 254 -20.92 2.78 18.88
CA ILE A 254 -20.80 2.73 17.43
C ILE A 254 -19.35 2.88 17.02
N GLY A 255 -18.61 3.79 17.67
CA GLY A 255 -17.23 3.99 17.31
C GLY A 255 -16.37 2.76 17.59
N LYS A 256 -16.60 2.12 18.74
CA LYS A 256 -15.86 0.91 19.07
C LYS A 256 -16.25 -0.24 18.14
N LEU A 257 -17.54 -0.36 17.82
CA LEU A 257 -18.00 -1.39 16.91
C LEU A 257 -17.49 -1.17 15.50
N PHE A 258 -17.49 0.08 15.04
CA PHE A 258 -16.87 0.41 13.76
C PHE A 258 -15.40 0.01 13.76
N SER A 259 -14.69 0.28 14.84
CA SER A 259 -13.29 -0.11 14.94
C SER A 259 -13.14 -1.62 14.86
N SER A 260 -14.07 -2.36 15.45
CA SER A 260 -14.05 -3.82 15.38
C SER A 260 -14.26 -4.31 13.95
N LEU A 261 -15.30 -3.81 13.28
CA LEU A 261 -15.56 -4.19 11.89
C LEU A 261 -14.37 -3.86 11.00
N ARG A 262 -13.77 -2.69 11.21
CA ARG A 262 -12.62 -2.29 10.40
C ARG A 262 -11.42 -3.18 10.68
N SER A 263 -11.22 -3.57 11.93
CA SER A 263 -10.14 -4.48 12.25
C SER A 263 -10.31 -5.84 11.57
N LYS A 264 -11.55 -6.34 11.48
CA LYS A 264 -11.80 -7.61 10.81
C LYS A 264 -11.70 -7.48 9.30
N THR A 265 -12.31 -6.44 8.73
CA THR A 265 -12.27 -6.28 7.27
C THR A 265 -10.85 -6.10 6.77
N ALA A 266 -9.94 -5.61 7.60
CA ALA A 266 -8.54 -5.52 7.21
C ALA A 266 -7.99 -6.87 6.79
N ALA A 267 -8.50 -7.96 7.37
CA ALA A 267 -8.01 -9.29 7.02
C ALA A 267 -8.43 -9.67 5.60
N PHE A 268 -9.70 -9.48 5.26
CA PHE A 268 -10.13 -9.72 3.88
C PHE A 268 -9.39 -8.83 2.90
N THR A 269 -9.20 -7.55 3.25
CA THR A 269 -8.48 -6.64 2.37
C THR A 269 -7.06 -7.13 2.16
N ASP A 270 -6.39 -7.55 3.23
CA ASP A 270 -5.04 -8.06 3.11
C ASP A 270 -4.98 -9.31 2.25
N THR A 271 -5.98 -10.19 2.39
CA THR A 271 -6.02 -11.40 1.57
C THR A 271 -6.26 -11.07 0.11
N ARG A 272 -7.18 -10.14 -0.17
CA ARG A 272 -7.46 -9.76 -1.54
C ARG A 272 -6.23 -9.14 -2.19
N ILE A 273 -5.52 -8.29 -1.46
CA ILE A 273 -4.35 -7.63 -2.03
C ILE A 273 -3.24 -8.63 -2.26
N ARG A 274 -3.11 -9.66 -1.41
CA ARG A 274 -2.10 -10.69 -1.66
C ARG A 274 -2.47 -11.53 -2.88
N THR A 275 -3.73 -11.95 -3.00
CA THR A 275 -4.13 -12.71 -4.17
C THR A 275 -3.98 -11.87 -5.44
N MET A 276 -4.32 -10.59 -5.36
CA MET A 276 -4.20 -9.72 -6.51
C MET A 276 -2.73 -9.48 -6.87
N ASN A 277 -1.87 -9.37 -5.85
CA ASN A 277 -0.44 -9.29 -6.12
C ASN A 277 0.07 -10.48 -6.91
N GLU A 278 -0.30 -11.70 -6.49
CA GLU A 278 0.20 -12.88 -7.19
C GLU A 278 -0.48 -13.08 -8.54
N VAL A 279 -1.73 -12.65 -8.68
CA VAL A 279 -2.38 -12.67 -10.00
C VAL A 279 -1.62 -11.80 -10.97
N ILE A 280 -1.51 -10.50 -10.66
CA ILE A 280 -0.82 -9.58 -11.54
C ILE A 280 0.61 -10.06 -11.80
N THR A 281 1.24 -10.67 -10.80
CA THR A 281 2.61 -11.14 -10.98
C THR A 281 2.66 -12.34 -11.91
N GLY A 282 1.71 -13.26 -11.78
CA GLY A 282 1.72 -14.49 -12.55
C GLY A 282 0.75 -14.52 -13.72
N ILE A 283 0.28 -13.36 -14.16
CA ILE A 283 -0.85 -13.29 -15.09
C ILE A 283 -0.60 -14.12 -16.35
N ARG A 284 0.65 -14.22 -16.80
CA ARG A 284 0.91 -14.96 -18.02
C ARG A 284 0.62 -16.44 -17.85
N ILE A 285 1.04 -17.02 -16.72
CA ILE A 285 0.77 -18.43 -16.46
C ILE A 285 -0.72 -18.65 -16.20
N ILE A 286 -1.36 -17.70 -15.52
CA ILE A 286 -2.81 -17.80 -15.34
C ILE A 286 -3.51 -17.84 -16.69
N LYS A 287 -2.98 -17.10 -17.66
CA LYS A 287 -3.57 -17.08 -18.99
C LYS A 287 -3.30 -18.38 -19.73
N MET A 288 -2.05 -18.84 -19.71
CA MET A 288 -1.72 -20.06 -20.43
C MET A 288 -2.47 -21.26 -19.86
N TYR A 289 -2.58 -21.34 -18.53
CA TYR A 289 -3.36 -22.40 -17.91
C TYR A 289 -4.85 -22.24 -18.17
N ALA A 290 -5.31 -21.05 -18.52
CA ALA A 290 -6.73 -20.73 -18.62
C ALA A 290 -7.42 -20.84 -17.26
N TRP A 291 -6.67 -20.71 -16.17
CA TRP A 291 -7.23 -20.72 -14.83
C TRP A 291 -7.83 -19.39 -14.43
N GLU A 292 -8.11 -18.52 -15.41
CA GLU A 292 -8.69 -17.22 -15.10
C GLU A 292 -10.03 -17.34 -14.42
N LYS A 293 -10.78 -18.40 -14.71
CA LYS A 293 -12.07 -18.61 -14.07
C LYS A 293 -11.92 -18.78 -12.55
N SER A 294 -10.87 -19.48 -12.13
CA SER A 294 -10.71 -19.79 -10.71
C SER A 294 -10.31 -18.56 -9.91
N PHE A 295 -9.37 -17.76 -10.41
CA PHE A 295 -9.01 -16.52 -9.73
C PHE A 295 -10.12 -15.50 -9.84
N ALA A 296 -10.83 -15.47 -10.96
CA ALA A 296 -12.03 -14.65 -11.03
C ALA A 296 -12.96 -15.00 -9.87
N ASP A 297 -13.19 -16.29 -9.65
CA ASP A 297 -14.06 -16.72 -8.55
C ASP A 297 -13.48 -16.34 -7.19
N LEU A 298 -12.20 -16.67 -6.97
CA LEU A 298 -11.57 -16.42 -5.68
C LEU A 298 -11.58 -14.92 -5.35
N ILE A 299 -11.15 -14.09 -6.29
CA ILE A 299 -11.19 -12.64 -6.07
C ILE A 299 -12.64 -12.17 -5.93
N THR A 300 -13.55 -12.76 -6.70
CA THR A 300 -14.95 -12.36 -6.60
C THR A 300 -15.48 -12.58 -5.20
N ASN A 301 -15.14 -13.71 -4.59
CA ASN A 301 -15.68 -14.01 -3.26
C ASN A 301 -14.98 -13.17 -2.18
N LEU A 302 -13.66 -13.05 -2.24
CA LEU A 302 -12.96 -12.16 -1.31
C LEU A 302 -13.53 -10.75 -1.40
N ARG A 303 -13.71 -10.25 -2.62
CA ARG A 303 -14.21 -8.90 -2.81
C ARG A 303 -15.64 -8.77 -2.31
N ARG A 304 -16.45 -9.83 -2.49
CA ARG A 304 -17.83 -9.78 -2.02
C ARG A 304 -17.90 -9.74 -0.50
N LYS A 305 -17.13 -10.60 0.18
CA LYS A 305 -17.03 -10.53 1.63
C LYS A 305 -16.58 -9.15 2.08
N GLU A 306 -15.49 -8.66 1.49
CA GLU A 306 -14.91 -7.38 1.89
C GLU A 306 -15.88 -6.22 1.68
N ILE A 307 -16.60 -6.21 0.56
CA ILE A 307 -17.49 -5.09 0.29
C ILE A 307 -18.72 -5.16 1.19
N SER A 308 -19.11 -6.35 1.64
CA SER A 308 -20.17 -6.43 2.64
C SER A 308 -19.70 -5.82 3.97
N LYS A 309 -18.48 -6.15 4.40
CA LYS A 309 -17.93 -5.54 5.60
C LYS A 309 -17.80 -4.03 5.43
N ILE A 310 -17.35 -3.58 4.26
CA ILE A 310 -17.20 -2.15 4.01
C ILE A 310 -18.56 -1.46 4.00
N LEU A 311 -19.57 -2.11 3.44
CA LEU A 311 -20.90 -1.50 3.44
C LEU A 311 -21.42 -1.32 4.86
N ARG A 312 -21.28 -2.36 5.69
CA ARG A 312 -21.76 -2.26 7.06
C ARG A 312 -20.94 -1.24 7.85
N SER A 313 -19.62 -1.28 7.70
CA SER A 313 -18.76 -0.31 8.37
C SER A 313 -19.10 1.11 7.96
N SER A 314 -19.29 1.32 6.65
CA SER A 314 -19.60 2.67 6.15
C SER A 314 -20.97 3.13 6.60
N TYR A 315 -21.94 2.22 6.73
CA TYR A 315 -23.23 2.62 7.28
C TYR A 315 -23.09 3.05 8.74
N LEU A 316 -22.24 2.37 9.51
CA LEU A 316 -22.00 2.79 10.88
C LEU A 316 -21.37 4.17 10.92
N ARG A 317 -20.33 4.39 10.12
CA ARG A 317 -19.68 5.70 10.09
C ARG A 317 -20.64 6.77 9.61
N GLY A 318 -21.46 6.47 8.60
CA GLY A 318 -22.43 7.42 8.14
C GLY A 318 -23.48 7.75 9.19
N MET A 319 -23.84 6.77 10.02
CA MET A 319 -24.80 7.06 11.10
C MET A 319 -24.16 7.94 12.17
N ASN A 320 -22.87 7.72 12.47
CA ASN A 320 -22.18 8.61 13.40
C ASN A 320 -22.12 10.03 12.86
N LEU A 321 -21.83 10.18 11.57
CA LEU A 321 -21.75 11.50 10.95
C LEU A 321 -23.11 12.16 10.89
N ALA A 322 -24.15 11.40 10.56
CA ALA A 322 -25.50 11.96 10.57
C ALA A 322 -25.89 12.37 11.99
N SER A 323 -25.45 11.61 12.98
CA SER A 323 -25.81 11.92 14.36
C SER A 323 -25.13 13.20 14.83
N PHE A 324 -23.89 13.45 14.42
CA PHE A 324 -23.28 14.75 14.66
C PHE A 324 -24.03 15.86 13.92
N PHE A 325 -24.27 15.67 12.63
CA PHE A 325 -24.88 16.71 11.82
C PHE A 325 -26.22 17.16 12.39
N VAL A 326 -27.02 16.23 12.92
CA VAL A 326 -28.34 16.55 13.43
C VAL A 326 -28.38 16.59 14.96
N ALA A 327 -27.23 16.46 15.63
CA ALA A 327 -27.20 16.44 17.09
C ALA A 327 -27.87 17.68 17.67
N SER A 328 -27.37 18.86 17.33
CA SER A 328 -27.90 20.08 17.95
C SER A 328 -29.32 20.39 17.50
N LYS A 329 -29.72 19.89 16.34
CA LYS A 329 -31.12 19.95 15.94
C LYS A 329 -32.02 19.21 16.93
N ILE A 330 -31.63 17.98 17.26
CA ILE A 330 -32.41 17.20 18.23
C ILE A 330 -32.27 17.81 19.63
N ILE A 331 -31.05 18.16 20.04
CA ILE A 331 -30.84 18.71 21.38
C ILE A 331 -31.66 19.98 21.57
N VAL A 332 -31.58 20.88 20.59
CA VAL A 332 -32.35 22.12 20.62
C VAL A 332 -33.85 21.83 20.55
N PHE A 333 -34.25 20.84 19.75
CA PHE A 333 -35.66 20.50 19.60
C PHE A 333 -36.26 20.02 20.92
N VAL A 334 -35.57 19.10 21.61
CA VAL A 334 -36.07 18.63 22.89
C VAL A 334 -35.99 19.72 23.94
N THR A 335 -34.90 20.49 23.95
CA THR A 335 -34.73 21.57 24.93
C THR A 335 -35.87 22.56 24.86
N PHE A 336 -36.15 23.09 23.67
CA PHE A 336 -37.19 24.09 23.48
C PHE A 336 -38.59 23.50 23.42
N THR A 337 -38.72 22.22 23.08
CA THR A 337 -40.01 21.55 23.24
C THR A 337 -40.41 21.50 24.71
N THR A 338 -39.52 21.01 25.57
CA THR A 338 -39.83 20.99 27.00
C THR A 338 -39.89 22.40 27.57
N TYR A 339 -39.11 23.33 27.03
CA TYR A 339 -39.15 24.72 27.46
C TYR A 339 -40.53 25.33 27.23
N VAL A 340 -41.16 25.04 26.09
CA VAL A 340 -42.47 25.62 25.79
C VAL A 340 -43.61 24.83 26.40
N PHE A 341 -43.41 23.53 26.69
CA PHE A 341 -44.41 22.78 27.43
C PHE A 341 -44.48 23.23 28.88
N LEU A 342 -43.41 23.80 29.41
CA LEU A 342 -43.34 24.35 30.75
C LEU A 342 -43.87 25.78 30.83
N GLY A 343 -44.41 26.30 29.72
CA GLY A 343 -45.03 27.61 29.70
C GLY A 343 -44.14 28.75 29.28
N ASN A 344 -42.90 28.49 28.88
CA ASN A 344 -42.02 29.58 28.49
C ASN A 344 -42.29 30.01 27.05
N VAL A 345 -41.62 31.10 26.64
CA VAL A 345 -41.79 31.72 25.33
C VAL A 345 -40.44 31.85 24.63
N ILE A 346 -40.44 31.67 23.32
CA ILE A 346 -39.24 31.81 22.49
C ILE A 346 -38.90 33.28 22.24
N THR A 347 -37.70 33.68 22.67
CA THR A 347 -37.12 34.99 22.43
C THR A 347 -35.78 34.85 21.73
N ALA A 348 -35.47 35.83 20.87
CA ALA A 348 -34.29 35.73 20.00
C ALA A 348 -33.00 35.63 20.79
N SER A 349 -32.87 36.45 21.85
CA SER A 349 -31.68 36.43 22.69
C SER A 349 -31.44 35.05 23.31
N ARG A 350 -32.40 34.57 24.11
CA ARG A 350 -32.30 33.23 24.69
C ARG A 350 -32.05 32.16 23.64
N VAL A 351 -32.95 32.07 22.66
CA VAL A 351 -32.83 31.05 21.61
C VAL A 351 -31.41 30.98 21.06
N PHE A 352 -30.91 32.09 20.54
CA PHE A 352 -29.65 32.02 19.80
C PHE A 352 -28.42 31.93 20.71
N VAL A 353 -28.49 32.49 21.92
CA VAL A 353 -27.45 32.20 22.92
C VAL A 353 -27.38 30.70 23.19
N ALA A 354 -28.52 30.09 23.50
CA ALA A 354 -28.58 28.64 23.74
C ALA A 354 -28.13 27.84 22.52
N VAL A 355 -28.61 28.21 21.34
CA VAL A 355 -28.17 27.56 20.11
C VAL A 355 -26.65 27.63 19.97
N SER A 356 -26.06 28.77 20.30
CA SER A 356 -24.60 28.92 20.25
C SER A 356 -23.89 28.05 21.27
N LEU A 357 -24.37 28.03 22.53
CA LEU A 357 -23.81 27.12 23.53
C LEU A 357 -23.90 25.67 23.08
N TYR A 358 -25.07 25.23 22.63
CA TYR A 358 -25.19 23.87 22.11
C TYR A 358 -24.33 23.63 20.89
N GLY A 359 -24.09 24.64 20.07
CA GLY A 359 -23.11 24.51 19.01
C GLY A 359 -21.72 24.18 19.53
N ALA A 360 -21.29 24.86 20.60
CA ALA A 360 -20.01 24.53 21.22
C ALA A 360 -20.02 23.10 21.78
N VAL A 361 -21.09 22.74 22.50
CA VAL A 361 -21.20 21.39 23.04
C VAL A 361 -21.29 20.36 21.92
N ARG A 362 -22.00 20.70 20.84
CA ARG A 362 -22.07 19.81 19.68
C ARG A 362 -20.66 19.44 19.22
N LEU A 363 -19.84 20.44 18.92
CA LEU A 363 -18.47 20.16 18.50
C LEU A 363 -17.75 19.25 19.49
N THR A 364 -17.58 19.72 20.73
CA THR A 364 -16.64 19.07 21.64
C THR A 364 -17.15 17.71 22.13
N VAL A 365 -18.45 17.53 22.28
CA VAL A 365 -18.99 16.31 22.88
C VAL A 365 -19.45 15.32 21.84
N THR A 366 -20.12 15.74 20.77
CA THR A 366 -20.63 14.80 19.79
C THR A 366 -19.78 14.73 18.53
N LEU A 367 -18.64 15.42 18.49
CA LEU A 367 -17.68 15.22 17.41
C LEU A 367 -16.31 14.84 17.93
N PHE A 368 -15.74 15.62 18.85
CA PHE A 368 -14.34 15.42 19.24
C PHE A 368 -14.20 14.29 20.24
N PHE A 369 -15.16 14.13 21.14
CA PHE A 369 -15.08 13.06 22.14
C PHE A 369 -15.31 11.70 21.50
N PRO A 370 -16.36 11.49 20.70
CA PRO A 370 -16.44 10.25 19.92
C PRO A 370 -15.26 10.02 19.00
N SER A 371 -14.76 11.08 18.35
CA SER A 371 -13.59 10.95 17.51
C SER A 371 -12.39 10.47 18.30
N ALA A 372 -12.24 10.97 19.53
CA ALA A 372 -11.14 10.54 20.39
C ALA A 372 -11.25 9.07 20.75
N VAL A 373 -12.45 8.61 21.10
CA VAL A 373 -12.65 7.20 21.44
C VAL A 373 -12.35 6.32 20.24
N GLU A 374 -12.87 6.69 19.06
CA GLU A 374 -12.58 5.95 17.84
C GLU A 374 -11.08 5.82 17.60
N LYS A 375 -10.36 6.95 17.68
CA LYS A 375 -8.94 6.95 17.35
C LYS A 375 -8.08 6.29 18.43
N VAL A 376 -8.49 6.37 19.69
CA VAL A 376 -7.77 5.62 20.72
C VAL A 376 -8.01 4.14 20.55
N SER A 377 -9.21 3.73 20.14
CA SER A 377 -9.46 2.32 19.85
C SER A 377 -8.59 1.85 18.69
N GLU A 378 -8.59 2.60 17.59
CA GLU A 378 -7.72 2.27 16.47
C GLU A 378 -6.26 2.27 16.88
N ALA A 379 -5.88 3.19 17.78
CA ALA A 379 -4.51 3.24 18.29
C ALA A 379 -4.16 2.06 19.17
N PHE A 380 -5.13 1.53 19.91
CA PHE A 380 -4.86 0.37 20.76
C PHE A 380 -4.69 -0.90 19.95
N VAL A 381 -5.42 -1.06 18.84
CA VAL A 381 -5.13 -2.19 17.98
C VAL A 381 -3.76 -2.02 17.34
N SER A 382 -3.40 -0.80 16.97
CA SER A 382 -2.06 -0.50 16.48
C SER A 382 -0.99 -0.79 17.54
N ILE A 383 -1.23 -0.35 18.77
CA ILE A 383 -0.24 -0.53 19.85
C ILE A 383 -0.14 -1.99 20.23
N ARG A 384 -1.24 -2.74 20.15
CA ARG A 384 -1.16 -4.17 20.41
C ARG A 384 -0.28 -4.86 19.38
N ARG A 385 -0.48 -4.54 18.09
CA ARG A 385 0.38 -5.11 17.05
C ARG A 385 1.83 -4.68 17.21
N ILE A 386 2.07 -3.44 17.64
CA ILE A 386 3.45 -2.96 17.81
C ILE A 386 4.13 -3.62 18.98
N LYS A 387 3.41 -3.88 20.08
CA LYS A 387 4.01 -4.58 21.20
C LYS A 387 4.20 -6.06 20.86
N ASN A 388 3.26 -6.64 20.12
CA ASN A 388 3.47 -8.00 19.64
C ASN A 388 4.70 -8.07 18.76
N PHE A 389 5.07 -6.96 18.11
CA PHE A 389 6.30 -6.92 17.33
C PHE A 389 7.51 -6.60 18.20
N LEU A 390 7.36 -5.68 19.16
CA LEU A 390 8.48 -5.30 20.01
C LEU A 390 8.84 -6.39 21.01
N LEU A 391 7.89 -7.25 21.34
CA LEU A 391 8.14 -8.34 22.27
C LEU A 391 8.57 -9.63 21.60
N LEU A 392 8.55 -9.71 20.27
CA LEU A 392 9.05 -10.90 19.62
C LEU A 392 10.47 -11.20 20.08
N ASP A 393 10.88 -12.45 19.97
CA ASP A 393 12.26 -12.81 20.28
C ASP A 393 13.22 -11.96 19.45
N GLU A 394 14.39 -11.70 20.00
CA GLU A 394 15.38 -10.89 19.30
C GLU A 394 16.79 -11.43 19.48
N ILE A 409 41.80 -16.97 11.47
CA ILE A 409 41.41 -18.37 11.50
C ILE A 409 39.93 -18.51 11.86
N VAL A 410 39.32 -19.60 11.39
CA VAL A 410 37.98 -20.00 11.78
C VAL A 410 38.02 -21.41 12.36
N ASN A 411 37.21 -21.65 13.40
CA ASN A 411 37.16 -22.93 14.10
C ASN A 411 35.73 -23.24 14.54
N VAL A 412 35.29 -24.46 14.27
CA VAL A 412 34.01 -24.99 14.75
C VAL A 412 34.24 -26.39 15.31
N GLN A 413 33.65 -26.65 16.48
CA GLN A 413 33.83 -27.91 17.20
C GLN A 413 32.52 -28.37 17.82
N ASP A 414 32.22 -29.66 17.66
CA ASP A 414 31.09 -30.32 18.30
C ASP A 414 29.78 -29.56 18.10
N PHE A 415 29.68 -28.81 17.00
CA PHE A 415 28.55 -27.91 16.83
C PHE A 415 27.28 -28.71 16.56
N THR A 416 26.20 -28.35 17.27
CA THR A 416 24.87 -28.87 17.02
C THR A 416 23.88 -27.80 17.42
N ALA A 417 22.78 -27.69 16.66
CA ALA A 417 21.81 -26.63 16.92
C ALA A 417 20.46 -27.03 16.35
N PHE A 418 19.42 -26.38 16.88
CA PHE A 418 18.05 -26.53 16.41
C PHE A 418 17.54 -25.20 15.88
N TRP A 419 16.77 -25.25 14.79
CA TRP A 419 15.87 -24.14 14.47
C TRP A 419 14.64 -24.17 15.35
N ASP A 420 14.19 -25.37 15.73
CA ASP A 420 12.96 -25.55 16.50
C ASP A 420 13.12 -26.80 17.35
N LYS A 421 13.09 -26.63 18.67
CA LYS A 421 13.25 -27.77 19.56
C LYS A 421 12.15 -28.81 19.36
N ALA A 422 11.04 -28.43 18.72
CA ALA A 422 9.99 -29.40 18.40
C ALA A 422 10.40 -30.35 17.28
N SER A 423 11.49 -30.07 16.58
CA SER A 423 11.98 -30.97 15.55
C SER A 423 12.34 -32.32 16.15
N ASP A 424 12.24 -33.37 15.33
CA ASP A 424 12.66 -34.69 15.76
C ASP A 424 14.16 -34.80 15.93
N THR A 425 14.93 -33.91 15.30
CA THR A 425 16.38 -33.94 15.35
C THR A 425 16.91 -32.51 15.40
N PRO A 426 18.17 -32.33 15.80
CA PRO A 426 18.84 -31.05 15.55
C PRO A 426 18.95 -30.78 14.06
N THR A 427 19.06 -29.50 13.71
CA THR A 427 19.13 -29.09 12.32
C THR A 427 20.57 -28.92 11.83
N LEU A 428 21.52 -28.76 12.73
CA LEU A 428 22.94 -29.00 12.46
C LEU A 428 23.48 -29.91 13.55
N GLN A 429 24.37 -30.83 13.18
CA GLN A 429 24.82 -31.85 14.11
C GLN A 429 26.24 -32.28 13.79
N SER A 430 26.98 -32.64 14.84
CA SER A 430 28.28 -33.29 14.74
C SER A 430 29.21 -32.57 13.78
N LEU A 431 29.30 -31.25 13.94
CA LEU A 431 30.09 -30.39 13.07
C LEU A 431 31.38 -29.93 13.73
N SER A 432 32.51 -30.19 13.08
CA SER A 432 33.78 -29.61 13.50
C SER A 432 34.66 -29.41 12.28
N PHE A 433 35.28 -28.23 12.18
CA PHE A 433 36.14 -27.88 11.06
C PHE A 433 36.95 -26.63 11.42
N THR A 434 38.03 -26.41 10.66
CA THR A 434 38.86 -25.22 10.80
C THR A 434 39.49 -24.84 9.47
N VAL A 435 39.52 -23.54 9.19
CA VAL A 435 40.05 -22.98 7.95
C VAL A 435 40.80 -21.69 8.28
N ARG A 436 41.87 -21.44 7.53
CA ARG A 436 42.92 -20.51 7.91
C ARG A 436 43.30 -19.61 6.75
N PRO A 437 44.01 -18.50 7.02
CA PRO A 437 44.38 -17.57 5.94
C PRO A 437 45.06 -18.24 4.75
N GLY A 438 44.71 -17.76 3.56
CA GLY A 438 45.14 -18.37 2.32
C GLY A 438 44.36 -19.59 1.87
N GLU A 439 43.20 -19.86 2.46
CA GLU A 439 42.39 -21.02 2.10
C GLU A 439 41.00 -20.64 1.60
N LEU A 440 40.46 -21.50 0.73
CA LEU A 440 39.05 -21.55 0.36
C LEU A 440 38.45 -22.87 0.83
N LEU A 441 37.47 -22.80 1.74
CA LEU A 441 36.65 -23.96 2.11
C LEU A 441 35.32 -23.93 1.35
N ALA A 442 35.04 -25.00 0.60
CA ALA A 442 33.75 -25.23 -0.02
C ALA A 442 32.81 -26.00 0.91
N VAL A 443 31.56 -25.53 0.99
CA VAL A 443 30.48 -26.26 1.65
C VAL A 443 29.59 -26.88 0.58
N VAL A 444 29.55 -28.21 0.53
CA VAL A 444 28.98 -28.99 -0.58
C VAL A 444 27.98 -30.01 -0.06
N GLY A 445 27.05 -30.39 -0.92
CA GLY A 445 26.04 -31.37 -0.62
C GLY A 445 24.65 -31.02 -1.11
N PRO A 446 23.68 -31.88 -0.83
CA PRO A 446 22.31 -31.66 -1.28
C PRO A 446 21.72 -30.34 -0.79
N VAL A 447 20.59 -29.98 -1.40
CA VAL A 447 19.79 -28.86 -0.94
C VAL A 447 19.25 -29.14 0.44
N GLY A 448 19.28 -28.13 1.31
CA GLY A 448 18.80 -28.28 2.66
C GLY A 448 19.75 -28.99 3.61
N ALA A 449 20.96 -29.31 3.16
CA ALA A 449 21.93 -30.01 3.99
C ALA A 449 22.48 -29.15 5.11
N GLY A 450 22.06 -27.89 5.22
CA GLY A 450 22.49 -27.00 6.27
C GLY A 450 23.65 -26.09 5.91
N LYS A 451 24.06 -26.08 4.65
CA LYS A 451 25.22 -25.28 4.25
C LYS A 451 25.03 -23.80 4.58
N SER A 452 23.91 -23.21 4.13
CA SER A 452 23.59 -21.84 4.53
C SER A 452 23.40 -21.72 6.04
N SER A 453 22.71 -22.67 6.66
CA SER A 453 22.64 -22.70 8.12
C SER A 453 24.03 -22.72 8.75
N LEU A 454 24.92 -23.55 8.22
CA LEU A 454 26.32 -23.55 8.67
C LEU A 454 26.91 -22.14 8.59
N LEU A 455 26.83 -21.50 7.42
CA LEU A 455 27.35 -20.14 7.29
C LEU A 455 26.74 -19.19 8.31
N SER A 456 25.43 -19.29 8.53
CA SER A 456 24.80 -18.47 9.56
C SER A 456 25.41 -18.75 10.94
N ALA A 457 25.72 -20.01 11.23
CA ALA A 457 26.37 -20.36 12.49
C ALA A 457 27.77 -19.74 12.58
N VAL A 458 28.57 -19.90 11.53
CA VAL A 458 29.89 -19.27 11.50
C VAL A 458 29.78 -17.76 11.68
N LEU A 459 28.79 -17.14 11.05
CA LEU A 459 28.52 -15.72 11.27
C LEU A 459 28.18 -15.44 12.73
N GLY A 460 27.64 -16.42 13.45
CA GLY A 460 27.09 -16.24 14.77
C GLY A 460 25.61 -15.87 14.81
N GLU A 461 24.94 -15.82 13.67
CA GLU A 461 23.49 -15.66 13.67
C GLU A 461 22.82 -16.87 14.32
N LEU A 462 23.35 -18.07 14.03
CA LEU A 462 22.88 -19.30 14.64
C LEU A 462 23.83 -19.71 15.76
N PRO A 463 23.49 -19.51 17.02
CA PRO A 463 24.38 -19.89 18.11
C PRO A 463 24.44 -21.40 18.25
N PRO A 464 25.50 -21.93 18.84
CA PRO A 464 25.54 -23.37 19.13
C PRO A 464 24.64 -23.71 20.30
N ASN A 465 23.95 -24.84 20.19
CA ASN A 465 23.35 -25.48 21.35
C ASN A 465 24.34 -26.40 22.07
N GLN A 466 25.32 -26.91 21.33
CA GLN A 466 26.53 -27.46 21.93
C GLN A 466 27.69 -27.19 20.98
N GLY A 467 28.90 -27.27 21.51
CA GLY A 467 30.09 -26.91 20.76
C GLY A 467 30.37 -25.42 20.84
N GLN A 468 31.33 -25.00 20.02
CA GLN A 468 31.79 -23.61 20.05
C GLN A 468 32.24 -23.17 18.67
N VAL A 469 32.21 -21.86 18.44
CA VAL A 469 32.67 -21.22 17.22
C VAL A 469 33.60 -20.07 17.58
N SER A 470 34.76 -20.00 16.92
CA SER A 470 35.71 -18.92 17.11
C SER A 470 36.25 -18.44 15.76
N VAL A 471 36.25 -17.12 15.57
CA VAL A 471 36.62 -16.48 14.32
C VAL A 471 37.41 -15.22 14.63
N HIS A 472 38.32 -14.85 13.72
CA HIS A 472 39.16 -13.68 13.89
C HIS A 472 39.16 -12.80 12.65
N GLY A 473 39.04 -11.49 12.88
CA GLY A 473 38.90 -10.48 11.85
C GLY A 473 37.47 -10.22 11.42
N ARG A 474 37.33 -9.28 10.48
CA ARG A 474 36.03 -8.95 9.91
C ARG A 474 35.49 -10.05 9.00
N ILE A 475 34.22 -10.35 9.15
CA ILE A 475 33.49 -11.32 8.34
C ILE A 475 32.68 -10.59 7.28
N ALA A 476 32.73 -11.10 6.05
CA ALA A 476 31.82 -10.71 4.98
C ALA A 476 30.88 -11.86 4.66
N TYR A 477 29.57 -11.60 4.73
CA TYR A 477 28.52 -12.55 4.38
C TYR A 477 27.81 -12.11 3.12
N VAL A 478 27.87 -12.95 2.09
CA VAL A 478 27.19 -12.73 0.82
C VAL A 478 26.00 -13.69 0.73
N SER A 479 24.79 -13.14 0.73
CA SER A 479 23.58 -13.94 0.67
C SER A 479 23.45 -14.67 -0.67
N GLN A 480 22.77 -15.81 -0.64
CA GLN A 480 22.49 -16.55 -1.87
C GLN A 480 21.62 -15.73 -2.83
N GLN A 481 20.51 -15.20 -2.35
CA GLN A 481 19.73 -14.24 -3.14
C GLN A 481 20.35 -12.86 -3.07
N PRO A 482 20.59 -12.19 -4.20
CA PRO A 482 21.09 -10.81 -4.14
C PRO A 482 20.15 -9.85 -3.42
N TRP A 483 20.75 -8.79 -2.89
CA TRP A 483 20.04 -7.70 -2.22
C TRP A 483 20.58 -6.35 -2.66
N VAL A 484 19.67 -5.41 -2.95
CA VAL A 484 20.00 -4.07 -3.40
C VAL A 484 18.99 -3.11 -2.79
N PHE A 485 19.47 -1.95 -2.34
CA PHE A 485 18.63 -0.94 -1.71
C PHE A 485 18.70 0.37 -2.52
N SER A 486 18.00 1.38 -2.01
CA SER A 486 17.81 2.62 -2.74
C SER A 486 19.14 3.32 -3.05
N GLY A 487 19.06 4.44 -3.76
CA GLY A 487 20.23 5.19 -4.13
C GLY A 487 20.83 4.71 -5.42
N THR A 488 22.07 5.16 -5.66
CA THR A 488 22.77 4.77 -6.87
C THR A 488 23.32 3.35 -6.73
N VAL A 489 23.44 2.67 -7.86
CA VAL A 489 24.09 1.36 -7.88
C VAL A 489 25.46 1.43 -7.22
N ARG A 490 26.20 2.52 -7.47
CA ARG A 490 27.46 2.72 -6.74
C ARG A 490 27.22 2.92 -5.26
N SER A 491 26.13 3.61 -4.89
CA SER A 491 25.81 3.73 -3.47
C SER A 491 25.53 2.37 -2.85
N ASN A 492 24.87 1.48 -3.59
CA ASN A 492 24.64 0.12 -3.10
C ASN A 492 25.93 -0.69 -3.00
N ILE A 493 26.91 -0.44 -3.86
CA ILE A 493 28.19 -1.15 -3.80
C ILE A 493 29.09 -0.59 -2.72
N LEU A 494 29.36 0.72 -2.77
CA LEU A 494 30.22 1.33 -1.75
C LEU A 494 29.73 1.00 -0.34
N PHE A 495 28.42 1.14 -0.10
CA PHE A 495 27.85 0.75 1.19
C PHE A 495 28.48 1.54 2.34
N GLY A 496 28.54 2.87 2.14
CA GLY A 496 29.13 3.80 3.08
C GLY A 496 30.62 4.01 2.95
N LYS A 497 31.32 3.11 2.26
CA LYS A 497 32.76 3.24 2.09
C LYS A 497 33.11 4.37 1.12
N LYS A 498 34.35 4.86 1.26
CA LYS A 498 34.85 5.91 0.39
C LYS A 498 34.98 5.41 -1.05
N TYR A 499 34.61 6.27 -1.99
CA TYR A 499 34.88 6.00 -3.40
C TYR A 499 36.36 6.21 -3.69
N GLU A 500 36.98 5.23 -4.36
CA GLU A 500 38.41 5.28 -4.64
C GLU A 500 38.68 4.57 -5.95
N LYS A 501 39.32 5.30 -6.88
CA LYS A 501 39.48 4.83 -8.26
C LYS A 501 40.12 3.44 -8.34
N GLU A 502 41.28 3.25 -7.70
CA GLU A 502 42.00 2.00 -7.84
C GLU A 502 41.19 0.81 -7.33
N ARG A 503 40.84 0.81 -6.05
CA ARG A 503 40.03 -0.28 -5.50
C ARG A 503 38.71 -0.43 -6.23
N TYR A 504 38.07 0.69 -6.58
CA TYR A 504 36.80 0.62 -7.31
C TYR A 504 36.95 -0.08 -8.65
N GLU A 505 37.92 0.35 -9.47
CA GLU A 505 38.19 -0.31 -10.74
C GLU A 505 38.51 -1.80 -10.53
N LYS A 506 39.37 -2.11 -9.56
CA LYS A 506 39.69 -3.50 -9.27
C LYS A 506 38.42 -4.30 -8.93
N VAL A 507 37.52 -3.71 -8.14
CA VAL A 507 36.24 -4.37 -7.83
C VAL A 507 35.41 -4.57 -9.10
N ILE A 508 35.20 -3.49 -9.85
CA ILE A 508 34.29 -3.52 -10.99
C ILE A 508 34.78 -4.49 -12.07
N LYS A 509 36.08 -4.58 -12.29
CA LYS A 509 36.58 -5.59 -13.22
C LYS A 509 36.51 -7.00 -12.65
N ALA A 510 36.83 -7.18 -11.36
CA ALA A 510 36.77 -8.51 -10.76
C ALA A 510 35.35 -9.05 -10.68
N CYS A 511 34.36 -8.19 -10.49
CA CYS A 511 32.94 -8.57 -10.44
C CYS A 511 32.29 -8.60 -11.82
N ALA A 512 33.07 -8.57 -12.89
CA ALA A 512 32.58 -8.74 -14.27
C ALA A 512 31.46 -7.76 -14.63
N LEU A 513 31.59 -6.51 -14.17
CA LEU A 513 30.51 -5.54 -14.16
C LEU A 513 30.81 -4.28 -14.95
N LYS A 514 32.08 -4.03 -15.29
CA LYS A 514 32.48 -2.79 -15.95
C LYS A 514 31.65 -2.49 -17.19
N LYS A 515 31.46 -3.48 -18.06
CA LYS A 515 30.75 -3.25 -19.33
C LYS A 515 29.38 -2.60 -19.11
N ASP A 516 28.55 -3.21 -18.27
CA ASP A 516 27.21 -2.66 -18.03
C ASP A 516 27.28 -1.23 -17.48
N LEU A 517 28.15 -0.99 -16.51
CA LEU A 517 28.29 0.36 -15.96
C LEU A 517 28.80 1.36 -16.99
N GLN A 518 29.52 0.89 -18.01
CA GLN A 518 29.85 1.77 -19.13
C GLN A 518 28.68 1.95 -20.09
N LEU A 519 27.92 0.89 -20.36
CA LEU A 519 26.77 1.01 -21.26
C LEU A 519 25.66 1.87 -20.66
N LEU A 520 25.43 1.77 -19.35
CA LEU A 520 24.48 2.66 -18.70
C LEU A 520 24.83 4.13 -18.93
N GLU A 521 23.85 4.89 -19.42
CA GLU A 521 24.10 6.27 -19.80
C GLU A 521 24.48 7.12 -18.59
N ASP A 522 23.74 7.00 -17.49
CA ASP A 522 24.16 7.60 -16.23
C ASP A 522 25.15 6.72 -15.48
N GLY A 523 25.68 5.70 -16.14
CA GLY A 523 26.71 4.86 -15.55
C GLY A 523 26.31 4.31 -14.22
N ASP A 524 27.28 4.25 -13.31
CA ASP A 524 27.06 3.78 -11.95
C ASP A 524 26.25 4.76 -11.10
N LEU A 525 25.84 5.90 -11.65
CA LEU A 525 24.96 6.84 -10.96
C LEU A 525 23.50 6.64 -11.36
N THR A 526 23.21 5.61 -12.15
CA THR A 526 21.82 5.24 -12.43
C THR A 526 21.06 4.96 -11.14
N MET A 527 19.89 5.57 -11.01
CA MET A 527 19.07 5.39 -9.82
C MET A 527 18.29 4.08 -9.91
N ILE A 528 18.10 3.44 -8.75
CA ILE A 528 17.64 2.07 -8.67
C ILE A 528 16.34 2.03 -7.86
N GLY A 529 15.44 1.15 -8.27
CA GLY A 529 14.11 1.07 -7.68
C GLY A 529 14.08 0.28 -6.38
N ASP A 530 12.85 0.10 -5.89
CA ASP A 530 12.64 -0.48 -4.56
C ASP A 530 13.24 -1.87 -4.43
N ARG A 531 13.28 -2.64 -5.53
CA ARG A 531 13.85 -3.99 -5.51
C ARG A 531 14.78 -4.21 -6.69
N GLY A 532 15.38 -3.14 -7.21
CA GLY A 532 16.24 -3.27 -8.37
C GLY A 532 15.49 -3.65 -9.63
N THR A 533 14.22 -3.24 -9.73
CA THR A 533 13.39 -3.67 -10.85
C THR A 533 13.97 -3.26 -12.20
N THR A 534 14.79 -2.20 -12.24
CA THR A 534 15.46 -1.84 -13.48
C THR A 534 16.65 -2.74 -13.81
N LEU A 535 17.19 -3.41 -12.79
CA LEU A 535 18.29 -4.36 -12.99
C LEU A 535 17.78 -5.74 -13.39
N SER A 536 18.57 -6.43 -14.21
CA SER A 536 18.38 -7.85 -14.38
C SER A 536 18.82 -8.59 -13.12
N GLY A 537 18.34 -9.82 -12.97
CA GLY A 537 18.81 -10.68 -11.89
C GLY A 537 20.32 -10.79 -11.81
N GLY A 538 20.97 -11.06 -12.94
CA GLY A 538 22.43 -11.04 -12.96
C GLY A 538 23.05 -9.70 -12.63
N GLN A 539 22.44 -8.60 -13.08
CA GLN A 539 22.93 -7.27 -12.73
C GLN A 539 22.92 -7.02 -11.23
N LYS A 540 21.75 -7.16 -10.59
CA LYS A 540 21.66 -6.97 -9.15
C LYS A 540 22.54 -7.98 -8.40
N ALA A 541 22.63 -9.20 -8.92
CA ALA A 541 23.56 -10.18 -8.36
C ALA A 541 24.99 -9.63 -8.35
N ARG A 542 25.47 -9.17 -9.52
CA ARG A 542 26.83 -8.64 -9.60
C ARG A 542 26.99 -7.40 -8.72
N VAL A 543 25.96 -6.57 -8.63
CA VAL A 543 25.98 -5.45 -7.68
C VAL A 543 26.18 -5.98 -6.25
N ASN A 544 25.36 -6.95 -5.85
CA ASN A 544 25.43 -7.50 -4.50
C ASN A 544 26.81 -8.09 -4.21
N LEU A 545 27.41 -8.78 -5.17
CA LEU A 545 28.76 -9.30 -4.95
C LEU A 545 29.79 -8.17 -4.91
N ALA A 546 29.71 -7.23 -5.84
CA ALA A 546 30.63 -6.08 -5.83
C ALA A 546 30.67 -5.40 -4.47
N ARG A 547 29.50 -5.16 -3.87
CA ARG A 547 29.45 -4.61 -2.52
C ARG A 547 30.43 -5.34 -1.59
N ALA A 548 30.26 -6.66 -1.47
CA ALA A 548 31.10 -7.44 -0.56
C ALA A 548 32.58 -7.27 -0.89
N VAL A 549 32.96 -7.48 -2.15
CA VAL A 549 34.37 -7.41 -2.53
C VAL A 549 34.96 -6.03 -2.22
N TYR A 550 34.16 -4.97 -2.31
CA TYR A 550 34.64 -3.63 -1.96
C TYR A 550 35.03 -3.53 -0.49
N GLN A 551 34.32 -4.23 0.40
CA GLN A 551 34.65 -4.20 1.82
C GLN A 551 36.01 -4.83 2.14
N ASP A 552 36.53 -5.71 1.27
CA ASP A 552 37.87 -6.27 1.43
C ASP A 552 38.11 -6.92 2.80
N ALA A 553 37.10 -7.65 3.29
CA ALA A 553 37.13 -8.23 4.64
C ALA A 553 38.16 -9.35 4.74
N ASP A 554 38.27 -9.95 5.94
CA ASP A 554 39.22 -11.02 6.23
C ASP A 554 38.66 -12.42 5.94
N ILE A 555 37.40 -12.66 6.30
CA ILE A 555 36.72 -13.94 6.07
C ILE A 555 35.52 -13.66 5.17
N TYR A 556 35.42 -14.36 4.05
CA TYR A 556 34.26 -14.29 3.17
C TYR A 556 33.41 -15.56 3.26
N LEU A 557 32.25 -15.45 3.89
CA LEU A 557 31.18 -16.46 3.84
C LEU A 557 30.40 -16.26 2.54
N LEU A 558 30.78 -17.00 1.50
CA LEU A 558 30.17 -16.90 0.18
C LEU A 558 29.05 -17.93 0.06
N ASP A 559 27.83 -17.49 0.39
CA ASP A 559 26.64 -18.34 0.37
C ASP A 559 26.14 -18.62 -1.05
N ASP A 560 27.02 -19.11 -1.91
CA ASP A 560 26.74 -19.32 -3.33
C ASP A 560 26.30 -18.04 -4.02
N PRO A 561 27.22 -17.09 -4.23
CA PRO A 561 26.89 -15.91 -5.03
C PRO A 561 26.69 -16.22 -6.50
N LEU A 562 27.02 -17.44 -6.94
CA LEU A 562 27.19 -17.75 -8.35
C LEU A 562 25.92 -18.25 -9.03
N SER A 563 25.01 -18.90 -8.31
CA SER A 563 23.74 -19.30 -8.90
C SER A 563 22.85 -18.13 -9.28
N ALA A 564 23.19 -16.91 -8.88
CA ALA A 564 22.52 -15.70 -9.35
C ALA A 564 23.02 -15.21 -10.71
N VAL A 565 23.91 -15.94 -11.38
CA VAL A 565 24.36 -15.60 -12.73
C VAL A 565 24.42 -16.86 -13.59
N ASP A 566 24.50 -16.65 -14.91
CA ASP A 566 24.64 -17.73 -15.88
C ASP A 566 25.97 -18.47 -15.72
N ALA A 567 25.98 -19.72 -16.22
CA ALA A 567 27.07 -20.65 -15.95
C ALA A 567 28.44 -20.14 -16.37
N GLU A 568 28.53 -19.49 -17.53
CA GLU A 568 29.81 -18.89 -17.93
C GLU A 568 30.23 -17.77 -16.99
N VAL A 569 29.29 -16.88 -16.64
CA VAL A 569 29.58 -15.80 -15.70
C VAL A 569 29.87 -16.37 -14.32
N SER A 570 29.23 -17.49 -13.97
CA SER A 570 29.53 -18.18 -12.71
C SER A 570 30.99 -18.60 -12.59
N ARG A 571 31.55 -19.27 -13.61
CA ARG A 571 32.97 -19.60 -13.55
C ARG A 571 33.84 -18.35 -13.68
N HIS A 572 33.40 -17.37 -14.47
CA HIS A 572 34.16 -16.13 -14.63
C HIS A 572 34.28 -15.39 -13.30
N LEU A 573 33.18 -15.27 -12.56
CA LEU A 573 33.22 -14.71 -11.20
C LEU A 573 34.02 -15.57 -10.22
N PHE A 574 33.93 -16.90 -10.31
CA PHE A 574 34.76 -17.74 -9.46
C PHE A 574 36.25 -17.45 -9.68
N GLU A 575 36.69 -17.39 -10.94
CA GLU A 575 38.10 -17.18 -11.21
C GLU A 575 38.55 -15.76 -10.88
N LEU A 576 37.83 -14.75 -11.39
CA LEU A 576 38.26 -13.37 -11.17
C LEU A 576 38.00 -12.89 -9.75
N CYS A 577 36.76 -13.02 -9.25
CA CYS A 577 36.49 -12.53 -7.90
C CYS A 577 37.06 -13.46 -6.83
N ILE A 578 36.69 -14.74 -6.84
CA ILE A 578 37.02 -15.59 -5.70
C ILE A 578 38.49 -15.96 -5.70
N CYS A 579 39.02 -16.46 -6.81
CA CYS A 579 40.44 -16.82 -6.84
C CYS A 579 41.35 -15.60 -6.91
N GLN A 580 41.15 -14.70 -7.88
CA GLN A 580 42.09 -13.60 -8.06
C GLN A 580 41.93 -12.48 -7.02
N ALA A 581 40.72 -11.97 -6.82
CA ALA A 581 40.55 -10.86 -5.87
C ALA A 581 40.64 -11.31 -4.41
N LEU A 582 39.87 -12.33 -4.01
CA LEU A 582 39.88 -12.83 -2.63
C LEU A 582 41.11 -13.70 -2.29
N HIS A 583 42.15 -13.65 -3.13
CA HIS A 583 43.21 -14.67 -3.17
C HIS A 583 43.78 -15.02 -1.80
N GLU A 584 44.15 -14.02 -1.00
CA GLU A 584 44.85 -14.24 0.27
C GLU A 584 43.94 -14.60 1.44
N LYS A 585 42.61 -14.51 1.28
CA LYS A 585 41.67 -14.50 2.38
C LYS A 585 41.30 -15.91 2.84
N ILE A 586 40.57 -15.98 3.96
CA ILE A 586 39.70 -17.12 4.24
C ILE A 586 38.43 -16.96 3.42
N ARG A 587 38.00 -18.04 2.77
CA ARG A 587 36.71 -18.11 2.10
C ARG A 587 35.96 -19.37 2.52
N ILE A 588 34.63 -19.26 2.67
CA ILE A 588 33.76 -20.40 2.94
C ILE A 588 32.62 -20.37 1.91
N LEU A 589 32.80 -21.11 0.81
CA LEU A 589 31.93 -21.03 -0.37
C LEU A 589 30.93 -22.18 -0.39
N VAL A 590 29.65 -21.85 -0.17
CA VAL A 590 28.54 -22.75 -0.48
C VAL A 590 28.34 -22.81 -2.00
N THR A 591 28.50 -24.00 -2.57
CA THR A 591 28.25 -24.14 -4.01
C THR A 591 28.06 -25.61 -4.35
N HIS A 592 27.46 -25.84 -5.52
CA HIS A 592 27.40 -27.14 -6.18
C HIS A 592 28.42 -27.30 -7.30
N GLN A 593 29.11 -26.22 -7.68
CA GLN A 593 30.02 -26.25 -8.82
C GLN A 593 31.36 -26.92 -8.43
N LEU A 594 31.25 -28.20 -8.07
CA LEU A 594 32.42 -28.99 -7.69
C LEU A 594 33.53 -28.93 -8.72
N GLN A 595 33.17 -28.74 -9.99
CA GLN A 595 34.17 -28.60 -11.05
C GLN A 595 35.10 -27.41 -10.83
N TYR A 596 34.65 -26.36 -10.13
CA TYR A 596 35.56 -25.27 -9.80
C TYR A 596 36.45 -25.61 -8.60
N LEU A 597 36.01 -26.49 -7.72
CA LEU A 597 36.61 -26.70 -6.40
C LEU A 597 37.96 -27.44 -6.43
N LYS A 598 38.45 -27.86 -7.59
CA LYS A 598 39.87 -28.23 -7.70
C LYS A 598 40.79 -27.12 -7.22
N ALA A 599 40.37 -25.87 -7.36
CA ALA A 599 41.12 -24.74 -6.85
C ALA A 599 40.83 -24.42 -5.38
N ALA A 600 39.76 -24.96 -4.82
CA ALA A 600 39.48 -24.78 -3.40
C ALA A 600 40.43 -25.59 -2.52
N SER A 601 40.67 -25.08 -1.31
CA SER A 601 41.57 -25.72 -0.35
C SER A 601 40.92 -26.94 0.30
N GLN A 602 39.64 -26.85 0.65
CA GLN A 602 38.98 -27.94 1.36
C GLN A 602 37.48 -27.89 1.11
N ILE A 603 36.82 -29.03 1.34
CA ILE A 603 35.38 -29.19 1.16
C ILE A 603 34.78 -29.90 2.38
N LEU A 604 33.67 -29.36 2.85
CA LEU A 604 32.85 -29.96 3.91
C LEU A 604 31.48 -30.34 3.37
N ILE A 605 31.15 -31.63 3.44
CA ILE A 605 29.92 -32.19 2.91
C ILE A 605 28.95 -32.50 4.05
N LEU A 606 27.75 -31.93 3.94
CA LEU A 606 26.68 -32.05 4.92
C LEU A 606 25.49 -32.81 4.34
N LYS A 607 24.80 -33.55 5.19
CA LYS A 607 23.50 -34.12 4.87
C LYS A 607 22.65 -34.16 6.12
N ASP A 608 21.37 -33.80 5.97
CA ASP A 608 20.42 -33.76 7.08
C ASP A 608 20.97 -32.98 8.26
N GLY A 609 21.84 -32.01 7.98
CA GLY A 609 22.44 -31.19 9.02
C GLY A 609 23.67 -31.78 9.68
N GLN A 610 24.15 -32.94 9.23
CA GLN A 610 25.31 -33.57 9.84
C GLN A 610 26.40 -33.78 8.80
N MET A 611 27.65 -33.71 9.26
CA MET A 611 28.81 -33.89 8.40
C MET A 611 28.85 -35.32 7.87
N VAL A 612 28.88 -35.47 6.56
CA VAL A 612 29.05 -36.78 5.94
C VAL A 612 30.51 -37.03 5.55
N GLN A 613 31.16 -36.01 5.00
CA GLN A 613 32.58 -36.09 4.62
C GLN A 613 33.24 -34.75 4.89
N LYS A 614 34.55 -34.81 5.18
CA LYS A 614 35.39 -33.64 5.39
C LYS A 614 36.74 -33.85 4.73
N GLY A 615 37.16 -32.87 3.94
CA GLY A 615 38.50 -32.84 3.38
C GLY A 615 38.98 -31.42 3.19
N GLU A 693 -2.44 13.96 -14.69
CA GLU A 693 -2.59 13.96 -13.25
C GLU A 693 -2.31 15.33 -12.66
N GLY A 694 -2.89 15.59 -11.49
CA GLY A 694 -2.90 16.92 -10.89
C GLY A 694 -4.10 17.78 -11.23
N LYS A 695 -4.79 17.49 -12.32
CA LYS A 695 -6.04 18.18 -12.64
C LYS A 695 -6.96 17.22 -13.38
N VAL A 696 -8.26 17.34 -13.11
CA VAL A 696 -9.26 16.46 -13.72
C VAL A 696 -10.48 17.31 -14.07
N GLY A 697 -11.22 16.87 -15.09
CA GLY A 697 -12.33 17.61 -15.62
C GLY A 697 -13.69 17.02 -15.27
N PHE A 698 -14.73 17.75 -15.65
CA PHE A 698 -16.09 17.38 -15.28
C PHE A 698 -16.45 15.98 -15.76
N LYS A 699 -15.83 15.52 -16.85
CA LYS A 699 -16.13 14.18 -17.35
C LYS A 699 -15.72 13.09 -16.35
N ALA A 700 -14.64 13.30 -15.61
CA ALA A 700 -14.27 12.32 -14.58
C ALA A 700 -15.30 12.26 -13.47
N TYR A 701 -15.82 13.41 -13.03
CA TYR A 701 -16.90 13.43 -12.04
C TYR A 701 -18.13 12.70 -12.54
N LYS A 702 -18.57 13.01 -13.76
CA LYS A 702 -19.75 12.34 -14.30
C LYS A 702 -19.55 10.84 -14.36
N ASN A 703 -18.40 10.40 -14.88
CA ASN A 703 -18.16 8.97 -14.99
C ASN A 703 -18.14 8.31 -13.61
N TYR A 704 -17.48 8.95 -12.64
CA TYR A 704 -17.39 8.37 -11.30
C TYR A 704 -18.77 8.18 -10.69
N PHE A 705 -19.61 9.21 -10.72
CA PHE A 705 -20.91 9.12 -10.07
C PHE A 705 -21.88 8.23 -10.84
N THR A 706 -21.69 8.11 -12.16
CA THR A 706 -22.57 7.28 -12.97
C THR A 706 -22.15 5.81 -12.98
N ALA A 707 -20.89 5.50 -12.71
CA ALA A 707 -20.50 4.12 -12.54
C ALA A 707 -21.15 3.49 -11.32
N GLY A 708 -21.61 4.31 -10.38
CA GLY A 708 -22.29 3.81 -9.20
C GLY A 708 -23.70 3.35 -9.48
N ALA A 709 -24.52 4.22 -10.05
CA ALA A 709 -25.94 3.92 -10.20
C ALA A 709 -26.49 4.57 -11.46
N HIS A 710 -27.68 4.13 -11.83
CA HIS A 710 -28.43 4.78 -12.89
C HIS A 710 -28.68 6.24 -12.53
N TRP A 711 -28.60 7.12 -13.54
CA TRP A 711 -28.61 8.56 -13.27
C TRP A 711 -29.86 9.02 -12.54
N PHE A 712 -30.96 8.26 -12.61
CA PHE A 712 -32.14 8.61 -11.83
C PHE A 712 -31.82 8.64 -10.35
N ILE A 713 -31.05 7.67 -9.87
CA ILE A 713 -30.68 7.63 -8.46
C ILE A 713 -29.82 8.82 -8.09
N ILE A 714 -28.98 9.29 -9.01
CA ILE A 714 -28.10 10.42 -8.72
C ILE A 714 -28.90 11.72 -8.66
N ILE A 715 -29.91 11.87 -9.51
CA ILE A 715 -30.81 13.00 -9.39
C ILE A 715 -31.49 12.98 -8.01
N PHE A 716 -31.93 11.80 -7.58
CA PHE A 716 -32.52 11.68 -6.26
C PHE A 716 -31.50 12.01 -5.17
N LEU A 717 -30.24 11.63 -5.37
CA LEU A 717 -29.20 11.95 -4.38
C LEU A 717 -29.01 13.46 -4.26
N ILE A 718 -28.91 14.17 -5.39
CA ILE A 718 -28.80 15.62 -5.36
C ILE A 718 -30.01 16.23 -4.66
N LEU A 719 -31.20 15.77 -5.00
CA LEU A 719 -32.41 16.33 -4.40
C LEU A 719 -32.43 16.10 -2.89
N VAL A 720 -31.95 14.94 -2.43
CA VAL A 720 -31.96 14.63 -1.01
C VAL A 720 -30.97 15.51 -0.27
N ASN A 721 -29.83 15.82 -0.88
CA ASN A 721 -28.86 16.74 -0.27
C ASN A 721 -29.43 18.15 -0.17
N LEU A 722 -30.01 18.66 -1.25
CA LEU A 722 -30.62 19.98 -1.21
C LEU A 722 -31.70 20.04 -0.15
N ALA A 723 -32.54 19.00 -0.07
CA ALA A 723 -33.62 18.99 0.90
C ALA A 723 -33.09 18.92 2.33
N ALA A 724 -32.00 18.18 2.55
CA ALA A 724 -31.42 18.10 3.88
C ALA A 724 -30.97 19.47 4.36
N GLN A 725 -30.16 20.17 3.55
CA GLN A 725 -29.67 21.48 3.95
C GLN A 725 -30.80 22.50 4.03
N VAL A 726 -31.79 22.39 3.15
CA VAL A 726 -32.87 23.36 3.18
C VAL A 726 -33.71 23.20 4.44
N SER A 727 -33.95 21.97 4.88
CA SER A 727 -34.68 21.76 6.12
C SER A 727 -33.86 22.16 7.34
N TYR A 728 -32.54 21.96 7.30
CA TYR A 728 -31.63 22.50 8.31
C TYR A 728 -31.78 24.01 8.46
N ILE A 729 -31.39 24.74 7.41
CA ILE A 729 -31.54 26.19 7.38
C ILE A 729 -32.95 26.59 7.80
N LEU A 730 -33.96 25.90 7.29
CA LEU A 730 -35.34 26.29 7.57
C LEU A 730 -35.76 26.04 9.01
N GLN A 731 -35.23 25.02 9.66
CA GLN A 731 -35.50 24.87 11.09
C GLN A 731 -34.96 26.05 11.89
N ASP A 732 -33.69 26.43 11.66
CA ASP A 732 -33.14 27.62 12.29
C ASP A 732 -33.91 28.89 11.90
N TRP A 733 -34.15 29.08 10.61
CA TRP A 733 -35.00 30.18 10.19
C TRP A 733 -36.37 30.14 10.87
N TRP A 734 -36.89 28.94 11.12
CA TRP A 734 -38.18 28.81 11.79
C TRP A 734 -38.13 29.28 13.24
N LEU A 735 -37.09 28.91 13.98
CA LEU A 735 -36.90 29.49 15.31
C LEU A 735 -36.86 31.00 15.25
N SER A 736 -36.04 31.56 14.36
CA SER A 736 -35.95 33.01 14.22
C SER A 736 -37.27 33.64 13.80
N TYR A 737 -38.01 32.96 12.93
CA TYR A 737 -39.33 33.42 12.52
C TYR A 737 -40.31 33.38 13.70
N TRP A 738 -40.24 32.30 14.48
CA TRP A 738 -41.01 32.17 15.72
C TRP A 738 -40.67 33.26 16.73
N ALA A 739 -39.37 33.55 16.89
CA ALA A 739 -38.95 34.64 17.77
C ALA A 739 -39.49 35.99 17.30
N ASN A 740 -39.38 36.29 16.01
CA ASN A 740 -39.98 37.53 15.50
C ASN A 740 -41.50 37.54 15.67
N GLN A 741 -42.16 36.40 15.52
CA GLN A 741 -43.62 36.34 15.68
C GLN A 741 -44.05 36.50 17.13
N GLN A 742 -43.30 35.91 18.06
CA GLN A 742 -43.51 36.17 19.48
C GLN A 742 -43.33 37.64 19.79
N SER A 743 -42.20 38.22 19.36
CA SER A 743 -41.89 39.62 19.62
C SER A 743 -42.94 40.57 19.07
N ALA A 744 -43.78 40.13 18.12
CA ALA A 744 -44.83 40.99 17.61
C ALA A 744 -46.06 41.05 18.50
N LEU A 745 -46.28 40.04 19.34
CA LEU A 745 -47.40 40.06 20.28
C LEU A 745 -47.17 41.07 21.37
N THR A 756 -54.66 39.31 26.64
CA THR A 756 -53.40 38.75 26.16
C THR A 756 -53.66 37.49 25.34
N GLU A 757 -52.73 37.16 24.44
CA GLU A 757 -52.86 36.00 23.58
C GLU A 757 -51.48 35.45 23.28
N LYS A 758 -51.44 34.23 22.76
CA LYS A 758 -50.18 33.53 22.56
C LYS A 758 -50.24 32.74 21.26
N LEU A 759 -49.06 32.41 20.75
CA LEU A 759 -48.95 31.62 19.54
C LEU A 759 -49.59 30.24 19.72
N ASP A 760 -50.10 29.70 18.62
CA ASP A 760 -50.61 28.34 18.59
C ASP A 760 -49.44 27.37 18.64
N LEU A 761 -49.24 26.74 19.79
CA LEU A 761 -48.16 25.76 19.90
C LEU A 761 -48.34 24.60 18.93
N ASN A 762 -49.58 24.30 18.56
CA ASN A 762 -49.82 23.21 17.63
C ASN A 762 -49.19 23.51 16.28
N TRP A 763 -49.54 24.65 15.68
CA TRP A 763 -48.98 25.04 14.40
C TRP A 763 -47.46 25.17 14.46
N TYR A 764 -46.97 26.01 15.37
CA TYR A 764 -45.53 26.29 15.45
C TYR A 764 -44.73 25.05 15.81
N LEU A 765 -45.12 24.35 16.87
CA LEU A 765 -44.38 23.18 17.29
C LEU A 765 -44.58 22.02 16.32
N GLY A 766 -45.74 21.94 15.67
CA GLY A 766 -45.92 20.92 14.65
C GLY A 766 -45.00 21.11 13.45
N ILE A 767 -44.95 22.33 12.90
CA ILE A 767 -44.06 22.56 11.77
C ILE A 767 -42.61 22.48 12.20
N TYR A 768 -42.30 22.91 13.42
CA TYR A 768 -40.99 22.70 14.00
C TYR A 768 -40.64 21.21 14.02
N SER A 769 -41.60 20.38 14.45
CA SER A 769 -41.38 18.94 14.53
C SER A 769 -41.25 18.31 13.15
N GLY A 770 -42.06 18.76 12.19
CA GLY A 770 -41.91 18.24 10.83
C GLY A 770 -40.59 18.67 10.21
N LEU A 771 -40.25 19.95 10.37
CA LEU A 771 -38.97 20.44 9.87
C LEU A 771 -37.80 19.67 10.46
N THR A 772 -37.84 19.41 11.78
CA THR A 772 -36.76 18.70 12.42
C THR A 772 -36.76 17.21 12.05
N ALA A 773 -37.95 16.63 11.85
CA ALA A 773 -38.03 15.22 11.47
C ALA A 773 -37.50 15.00 10.05
N SER A 774 -37.83 15.91 9.12
CA SER A 774 -37.26 15.81 7.78
C SER A 774 -35.77 16.10 7.76
N THR A 775 -35.30 16.99 8.62
CA THR A 775 -33.86 17.19 8.77
C THR A 775 -33.19 15.89 9.19
N VAL A 776 -33.75 15.21 10.19
CA VAL A 776 -33.19 13.93 10.64
C VAL A 776 -33.28 12.90 9.51
N LEU A 777 -34.46 12.79 8.91
CA LEU A 777 -34.71 11.82 7.85
C LEU A 777 -33.75 12.01 6.68
N PHE A 778 -33.71 13.22 6.11
CA PHE A 778 -32.85 13.47 4.95
C PHE A 778 -31.39 13.44 5.32
N GLY A 779 -31.03 13.93 6.51
CA GLY A 779 -29.66 13.78 6.97
C GLY A 779 -29.23 12.33 7.01
N ILE A 780 -30.09 11.46 7.55
CA ILE A 780 -29.80 10.03 7.58
C ILE A 780 -29.69 9.47 6.17
N VAL A 781 -30.72 9.70 5.34
CA VAL A 781 -30.76 9.10 4.01
C VAL A 781 -29.67 9.68 3.13
N ARG A 782 -29.39 10.97 3.28
CA ARG A 782 -28.29 11.61 2.56
C ARG A 782 -26.97 10.95 2.91
N SER A 783 -26.69 10.78 4.20
CA SER A 783 -25.43 10.21 4.62
C SER A 783 -25.31 8.75 4.20
N LEU A 784 -26.40 8.00 4.21
CA LEU A 784 -26.34 6.60 3.80
C LEU A 784 -26.26 6.45 2.29
N LEU A 785 -27.00 7.28 1.55
CA LEU A 785 -27.05 7.14 0.10
C LEU A 785 -25.76 7.55 -0.56
N VAL A 786 -25.04 8.53 0.00
CA VAL A 786 -23.73 8.88 -0.52
C VAL A 786 -22.81 7.66 -0.47
N PHE A 787 -22.81 6.94 0.65
CA PHE A 787 -21.96 5.76 0.77
C PHE A 787 -22.41 4.64 -0.15
N PHE A 788 -23.72 4.44 -0.26
CA PHE A 788 -24.23 3.42 -1.18
C PHE A 788 -23.83 3.70 -2.61
N VAL A 789 -24.04 4.94 -3.07
CA VAL A 789 -23.72 5.29 -4.45
C VAL A 789 -22.22 5.17 -4.70
N LEU A 790 -21.41 5.73 -3.80
CA LEU A 790 -19.98 5.76 -4.06
C LEU A 790 -19.33 4.42 -3.80
N VAL A 791 -19.93 3.57 -2.95
CA VAL A 791 -19.40 2.23 -2.76
C VAL A 791 -19.82 1.31 -3.91
N SER A 792 -21.04 1.49 -4.41
CA SER A 792 -21.44 0.80 -5.64
C SER A 792 -20.59 1.24 -6.83
N SER A 793 -20.20 2.50 -6.85
CA SER A 793 -19.29 2.98 -7.90
C SER A 793 -17.94 2.29 -7.79
N SER A 794 -17.37 2.26 -6.59
CA SER A 794 -16.11 1.54 -6.37
C SER A 794 -16.24 0.07 -6.73
N GLN A 795 -17.40 -0.52 -6.41
CA GLN A 795 -17.62 -1.93 -6.71
C GLN A 795 -17.65 -2.18 -8.22
N THR A 796 -18.45 -1.41 -8.95
CA THR A 796 -18.53 -1.56 -10.40
C THR A 796 -17.19 -1.29 -11.07
N LEU A 797 -16.49 -0.24 -10.64
CA LEU A 797 -15.22 0.10 -11.26
C LEU A 797 -14.15 -0.93 -10.95
N HIS A 798 -14.20 -1.55 -9.76
CA HIS A 798 -13.27 -2.63 -9.48
C HIS A 798 -13.53 -3.83 -10.39
N ASN A 799 -14.80 -4.16 -10.63
CA ASN A 799 -15.11 -5.29 -11.50
C ASN A 799 -14.76 -5.00 -12.95
N GLN A 800 -15.03 -3.78 -13.41
CA GLN A 800 -14.64 -3.41 -14.77
C GLN A 800 -13.13 -3.42 -14.93
N MET A 801 -12.41 -2.89 -13.94
CA MET A 801 -10.96 -2.88 -14.02
C MET A 801 -10.40 -4.29 -13.88
N PHE A 802 -11.06 -5.15 -13.09
CA PHE A 802 -10.58 -6.52 -12.93
C PHE A 802 -10.83 -7.36 -14.19
N GLU A 803 -12.01 -7.19 -14.81
CA GLU A 803 -12.28 -7.85 -16.09
C GLU A 803 -11.34 -7.36 -17.17
N SER A 804 -11.03 -6.07 -17.19
CA SER A 804 -10.10 -5.52 -18.18
C SER A 804 -8.70 -6.07 -17.98
N ILE A 805 -8.22 -6.11 -16.74
CA ILE A 805 -6.88 -6.62 -16.47
C ILE A 805 -6.82 -8.11 -16.76
N LEU A 806 -7.93 -8.82 -16.61
CA LEU A 806 -7.95 -10.24 -16.92
C LEU A 806 -7.88 -10.48 -18.43
N ARG A 807 -8.65 -9.72 -19.21
CA ARG A 807 -8.65 -9.87 -20.65
C ARG A 807 -7.67 -8.95 -21.35
N ALA A 808 -7.02 -8.04 -20.63
CA ALA A 808 -6.01 -7.20 -21.25
C ALA A 808 -4.90 -8.09 -21.80
N PRO A 809 -4.29 -7.72 -22.92
CA PRO A 809 -3.20 -8.53 -23.47
C PRO A 809 -1.94 -8.44 -22.62
N VAL A 810 -1.04 -9.39 -22.85
CA VAL A 810 0.21 -9.40 -22.11
C VAL A 810 0.99 -8.11 -22.35
N LEU A 811 0.84 -7.52 -23.54
CA LEU A 811 1.56 -6.29 -23.83
C LEU A 811 1.25 -5.21 -22.80
N PHE A 812 0.03 -5.17 -22.29
CA PHE A 812 -0.30 -4.21 -21.24
C PHE A 812 0.58 -4.40 -20.01
N PHE A 813 0.94 -5.64 -19.70
CA PHE A 813 1.72 -5.93 -18.51
C PHE A 813 3.22 -5.78 -18.74
N ASP A 814 3.65 -5.68 -19.99
CA ASP A 814 5.04 -5.32 -20.27
C ASP A 814 5.24 -3.81 -20.16
N ARG A 815 4.27 -3.03 -20.64
CA ARG A 815 4.31 -1.58 -20.61
C ARG A 815 3.76 -1.00 -19.31
N ASN A 816 3.79 -1.79 -18.23
CA ASN A 816 3.53 -1.29 -16.88
C ASN A 816 4.31 -2.16 -15.91
N PRO A 817 4.96 -1.59 -14.91
CA PRO A 817 5.51 -2.41 -13.83
C PRO A 817 4.42 -2.84 -12.86
N ILE A 818 4.66 -3.97 -12.20
CA ILE A 818 3.64 -4.58 -11.35
C ILE A 818 3.18 -3.61 -10.28
N GLY A 819 4.13 -2.94 -9.61
CA GLY A 819 3.76 -2.02 -8.55
C GLY A 819 2.81 -0.95 -9.02
N ARG A 820 2.97 -0.49 -10.27
CA ARG A 820 2.10 0.57 -10.77
C ARG A 820 0.66 0.10 -10.91
N ILE A 821 0.45 -1.14 -11.36
CA ILE A 821 -0.90 -1.67 -11.49
C ILE A 821 -1.47 -2.05 -10.12
N LEU A 822 -0.66 -2.66 -9.27
CA LEU A 822 -1.13 -3.06 -7.95
C LEU A 822 -1.51 -1.84 -7.11
N ASN A 823 -0.87 -0.69 -7.35
CA ASN A 823 -1.26 0.52 -6.65
C ASN A 823 -2.70 0.91 -6.97
N ARG A 824 -3.17 0.61 -8.18
CA ARG A 824 -4.56 0.90 -8.53
C ARG A 824 -5.51 0.12 -7.65
N PHE A 825 -5.16 -1.14 -7.34
CA PHE A 825 -6.02 -1.98 -6.53
C PHE A 825 -5.87 -1.71 -5.04
N SER A 826 -4.67 -1.32 -4.58
CA SER A 826 -4.44 -1.06 -3.16
C SER A 826 -4.77 0.39 -2.79
N LYS A 827 -3.96 1.32 -3.27
CA LYS A 827 -4.11 2.73 -2.92
C LYS A 827 -5.38 3.33 -3.50
N ASP A 828 -5.54 3.30 -4.81
CA ASP A 828 -6.61 4.05 -5.45
C ASP A 828 -7.97 3.46 -5.10
N ILE A 829 -8.13 2.14 -5.24
CA ILE A 829 -9.38 1.52 -4.81
C ILE A 829 -9.51 1.59 -3.30
N GLY A 830 -8.40 1.58 -2.56
CA GLY A 830 -8.49 1.82 -1.13
C GLY A 830 -9.09 3.16 -0.79
N HIS A 831 -8.58 4.24 -1.40
CA HIS A 831 -9.20 5.54 -1.28
C HIS A 831 -10.68 5.50 -1.63
N MET A 832 -11.02 4.85 -2.74
CA MET A 832 -12.39 4.87 -3.22
C MET A 832 -13.34 4.07 -2.34
N ASP A 833 -12.84 3.14 -1.53
CA ASP A 833 -13.68 2.42 -0.58
C ASP A 833 -13.82 3.16 0.75
N ASP A 834 -12.72 3.71 1.26
CA ASP A 834 -12.69 4.24 2.62
C ASP A 834 -12.70 5.77 2.64
N LEU A 835 -11.61 6.40 2.22
CA LEU A 835 -11.37 7.81 2.49
C LEU A 835 -12.20 8.74 1.60
N LEU A 836 -12.27 8.43 0.31
CA LEU A 836 -12.95 9.31 -0.65
C LEU A 836 -14.42 9.48 -0.36
N PRO A 837 -15.21 8.43 -0.12
CA PRO A 837 -16.63 8.67 0.17
C PRO A 837 -16.84 9.48 1.43
N LEU A 838 -16.02 9.26 2.45
CA LEU A 838 -16.11 10.06 3.66
C LEU A 838 -15.76 11.53 3.40
N THR A 839 -14.69 11.78 2.64
CA THR A 839 -14.30 13.14 2.29
C THR A 839 -15.34 13.84 1.42
N TYR A 840 -15.93 13.12 0.47
CA TYR A 840 -17.05 13.67 -0.31
C TYR A 840 -18.19 14.09 0.58
N LEU A 841 -18.62 13.22 1.49
CA LEU A 841 -19.70 13.59 2.40
C LEU A 841 -19.31 14.77 3.27
N ASP A 842 -18.07 14.77 3.77
CA ASP A 842 -17.56 15.92 4.52
C ASP A 842 -17.65 17.21 3.72
N PHE A 843 -17.07 17.22 2.51
CA PHE A 843 -17.08 18.41 1.65
C PHE A 843 -18.50 18.83 1.29
N ILE A 844 -19.35 17.89 0.91
CA ILE A 844 -20.72 18.24 0.52
C ILE A 844 -21.44 18.86 1.71
N GLN A 845 -21.30 18.25 2.88
CA GLN A 845 -21.94 18.79 4.08
C GLN A 845 -21.44 20.20 4.39
N THR A 846 -20.11 20.39 4.38
CA THR A 846 -19.55 21.70 4.71
C THR A 846 -19.86 22.75 3.64
N PHE A 847 -19.82 22.36 2.36
CA PHE A 847 -20.11 23.29 1.28
C PHE A 847 -21.52 23.84 1.36
N LEU A 848 -22.50 22.97 1.63
CA LEU A 848 -23.87 23.44 1.74
C LEU A 848 -24.07 24.28 3.00
N GLN A 849 -23.32 23.99 4.06
CA GLN A 849 -23.36 24.85 5.25
C GLN A 849 -22.88 26.26 4.92
N VAL A 850 -21.76 26.36 4.21
CA VAL A 850 -21.21 27.67 3.87
C VAL A 850 -22.18 28.43 2.97
N ILE A 851 -22.70 27.77 1.93
CA ILE A 851 -23.66 28.42 1.05
C ILE A 851 -24.88 28.90 1.83
N GLY A 852 -25.31 28.12 2.83
CA GLY A 852 -26.42 28.55 3.67
C GLY A 852 -26.12 29.75 4.56
N VAL A 853 -24.95 29.80 5.16
CA VAL A 853 -24.52 31.00 5.91
C VAL A 853 -24.56 32.23 5.01
N VAL A 854 -23.83 32.20 3.90
CA VAL A 854 -23.80 33.33 2.98
C VAL A 854 -25.20 33.67 2.48
N GLY A 855 -26.01 32.66 2.14
CA GLY A 855 -27.37 32.94 1.72
C GLY A 855 -28.22 33.63 2.77
N VAL A 856 -28.15 33.16 4.02
CA VAL A 856 -28.84 33.84 5.12
C VAL A 856 -28.35 35.28 5.28
N ALA A 857 -27.03 35.48 5.21
CA ALA A 857 -26.46 36.82 5.32
C ALA A 857 -26.97 37.74 4.23
N VAL A 858 -26.79 37.34 2.97
CA VAL A 858 -27.23 38.15 1.83
C VAL A 858 -28.74 38.31 1.82
N ALA A 859 -29.48 37.38 2.38
CA ALA A 859 -30.93 37.49 2.44
C ALA A 859 -31.40 38.42 3.55
N VAL A 860 -30.67 38.54 4.65
CA VAL A 860 -31.06 39.44 5.74
C VAL A 860 -30.62 40.87 5.48
N ILE A 861 -29.39 41.08 5.01
CA ILE A 861 -28.93 42.42 4.62
C ILE A 861 -28.34 42.36 3.22
N PRO A 862 -29.08 42.73 2.17
CA PRO A 862 -28.55 42.60 0.81
C PRO A 862 -27.30 43.43 0.53
N TRP A 863 -27.11 44.56 1.21
CA TRP A 863 -25.92 45.39 1.00
C TRP A 863 -24.62 44.64 1.26
N ILE A 864 -24.65 43.63 2.10
CA ILE A 864 -23.48 42.79 2.33
C ILE A 864 -22.93 42.24 1.02
N ALA A 865 -23.76 42.18 -0.02
CA ALA A 865 -23.27 41.70 -1.32
C ALA A 865 -22.13 42.58 -1.87
N ILE A 866 -22.08 43.85 -1.49
CA ILE A 866 -21.03 44.77 -1.96
C ILE A 866 -19.70 44.46 -1.29
N PRO A 867 -19.55 44.55 0.03
CA PRO A 867 -18.30 44.05 0.63
C PRO A 867 -17.95 42.63 0.22
N LEU A 868 -18.93 41.78 -0.02
CA LEU A 868 -18.67 40.41 -0.42
C LEU A 868 -17.99 40.30 -1.78
N VAL A 869 -18.10 41.31 -2.63
CA VAL A 869 -17.47 41.32 -3.95
C VAL A 869 -15.96 41.47 -3.80
N PRO A 870 -15.43 42.55 -3.20
CA PRO A 870 -13.98 42.57 -2.96
C PRO A 870 -13.52 41.43 -2.09
N LEU A 871 -14.29 41.10 -1.05
CA LEU A 871 -13.94 39.99 -0.17
C LEU A 871 -13.90 38.68 -0.93
N GLY A 872 -14.90 38.45 -1.79
CA GLY A 872 -14.90 37.25 -2.61
C GLY A 872 -13.77 37.24 -3.62
N ILE A 873 -13.42 38.40 -4.18
CA ILE A 873 -12.29 38.48 -5.10
C ILE A 873 -10.99 38.16 -4.38
N VAL A 874 -10.81 38.72 -3.18
CA VAL A 874 -9.60 38.43 -2.40
C VAL A 874 -9.52 36.94 -2.09
N PHE A 875 -10.63 36.35 -1.66
CA PHE A 875 -10.66 34.90 -1.43
C PHE A 875 -10.19 34.15 -2.66
N PHE A 876 -10.76 34.47 -3.82
CA PHE A 876 -10.46 33.68 -5.02
C PHE A 876 -9.00 33.85 -5.44
N VAL A 877 -8.46 35.06 -5.36
CA VAL A 877 -7.04 35.27 -5.66
C VAL A 877 -6.16 34.51 -4.69
N LEU A 878 -6.42 34.68 -3.40
CA LEU A 878 -5.72 33.92 -2.36
C LEU A 878 -5.78 32.42 -2.62
N ARG A 879 -6.98 31.91 -2.91
CA ARG A 879 -7.12 30.48 -3.20
C ARG A 879 -6.26 30.04 -4.37
N ARG A 880 -6.34 30.76 -5.49
CA ARG A 880 -5.47 30.45 -6.64
C ARG A 880 -4.00 30.50 -6.25
N TYR A 881 -3.57 31.64 -5.70
CA TYR A 881 -2.19 31.84 -5.30
C TYR A 881 -1.69 30.74 -4.37
N PHE A 882 -2.54 30.28 -3.45
CA PHE A 882 -2.21 29.14 -2.59
C PHE A 882 -2.17 27.83 -3.37
N LEU A 883 -3.29 27.44 -3.98
CA LEU A 883 -3.37 26.19 -4.73
C LEU A 883 -2.13 25.93 -5.58
N GLU A 884 -1.65 26.95 -6.28
CA GLU A 884 -0.45 26.77 -7.11
C GLU A 884 0.68 26.07 -6.33
N THR A 885 0.88 26.44 -5.08
CA THR A 885 1.90 25.85 -4.23
C THR A 885 1.37 24.65 -3.45
N SER A 886 0.09 24.66 -3.08
CA SER A 886 -0.49 23.58 -2.31
C SER A 886 -0.36 22.23 -2.99
N ARG A 887 -0.70 22.15 -4.27
CA ARG A 887 -0.56 20.87 -4.98
C ARG A 887 0.90 20.49 -5.17
N ASP A 888 1.80 21.46 -5.28
CA ASP A 888 3.23 21.14 -5.27
C ASP A 888 3.64 20.39 -4.00
N VAL A 889 3.31 20.91 -2.83
CA VAL A 889 3.74 20.22 -1.60
C VAL A 889 3.06 18.85 -1.46
N LYS A 890 1.79 18.72 -1.83
CA LYS A 890 1.18 17.39 -1.83
C LYS A 890 1.91 16.41 -2.74
N ARG A 891 2.36 16.85 -3.91
CA ARG A 891 3.25 15.99 -4.70
C ARG A 891 4.48 15.63 -3.89
N LEU A 892 5.13 16.64 -3.31
CA LEU A 892 6.40 16.46 -2.63
C LEU A 892 6.25 15.68 -1.32
N GLU A 893 5.09 15.72 -0.66
CA GLU A 893 4.84 14.82 0.46
C GLU A 893 4.81 13.36 0.01
N SER A 894 3.97 13.04 -0.98
CA SER A 894 3.86 11.68 -1.48
C SER A 894 5.23 11.15 -1.92
N THR A 895 5.95 11.92 -2.71
CA THR A 895 7.21 11.45 -3.28
C THR A 895 8.31 11.26 -2.21
N THR A 896 8.25 11.99 -1.10
CA THR A 896 9.18 11.76 0.00
C THR A 896 8.68 10.73 1.01
N ARG A 897 7.38 10.46 1.05
CA ARG A 897 6.85 9.34 1.83
C ARG A 897 7.26 7.99 1.26
N SER A 898 7.17 7.80 -0.04
CA SER A 898 7.43 6.50 -0.64
C SER A 898 8.80 5.91 -0.31
N PRO A 899 9.90 6.67 -0.35
CA PRO A 899 11.21 6.06 -0.03
C PRO A 899 11.30 5.42 1.35
N VAL A 900 10.52 5.87 2.34
CA VAL A 900 10.64 5.33 3.69
C VAL A 900 10.26 3.86 3.71
N PHE A 901 9.04 3.54 3.26
CA PHE A 901 8.63 2.14 3.13
C PHE A 901 9.63 1.35 2.28
N SER A 902 10.10 1.93 1.18
CA SER A 902 11.10 1.27 0.36
C SER A 902 12.31 0.86 1.20
N HIS A 903 12.87 1.79 1.96
CA HIS A 903 14.02 1.49 2.81
C HIS A 903 13.71 0.39 3.81
N LEU A 904 12.58 0.49 4.52
CA LEU A 904 12.17 -0.57 5.44
C LEU A 904 12.17 -1.93 4.74
N SER A 905 11.40 -2.04 3.66
CA SER A 905 11.28 -3.33 2.98
C SER A 905 12.64 -3.82 2.51
N SER A 906 13.44 -2.93 1.92
CA SER A 906 14.75 -3.36 1.42
C SER A 906 15.63 -3.86 2.55
N SER A 907 15.65 -3.16 3.68
CA SER A 907 16.45 -3.60 4.82
C SER A 907 15.96 -4.93 5.37
N LEU A 908 14.64 -5.12 5.46
CA LEU A 908 14.11 -6.40 5.89
C LEU A 908 14.56 -7.53 5.00
N GLN A 909 14.57 -7.31 3.68
CA GLN A 909 15.04 -8.34 2.78
C GLN A 909 16.53 -8.60 2.95
N GLY A 910 17.30 -7.57 3.26
CA GLY A 910 18.74 -7.70 3.41
C GLY A 910 19.24 -7.83 4.83
N LEU A 911 18.35 -8.19 5.76
CA LEU A 911 18.69 -8.09 7.18
C LEU A 911 19.96 -8.86 7.51
N TRP A 912 20.13 -10.05 6.95
CA TRP A 912 21.38 -10.80 7.14
C TRP A 912 22.60 -9.92 6.92
N THR A 913 22.66 -9.25 5.77
CA THR A 913 23.89 -8.56 5.36
C THR A 913 24.15 -7.31 6.18
N ILE A 914 23.14 -6.47 6.41
CA ILE A 914 23.37 -5.29 7.22
C ILE A 914 23.72 -5.69 8.65
N ARG A 915 23.09 -6.75 9.15
CA ARG A 915 23.44 -7.24 10.48
C ARG A 915 24.86 -7.80 10.50
N ALA A 916 25.29 -8.43 9.40
CA ALA A 916 26.65 -8.95 9.31
C ALA A 916 27.69 -7.84 9.31
N TYR A 917 27.49 -6.81 8.49
CA TYR A 917 28.41 -5.67 8.40
C TYR A 917 28.40 -4.78 9.63
N LYS A 918 27.59 -5.06 10.64
CA LYS A 918 27.43 -4.15 11.77
C LYS A 918 26.94 -2.79 11.31
N ALA A 919 26.12 -2.79 10.27
CA ALA A 919 25.66 -1.58 9.61
C ALA A 919 24.35 -1.05 10.18
N GLU A 920 23.92 -1.56 11.33
CA GLU A 920 22.64 -1.14 11.88
C GLU A 920 22.63 0.36 12.16
N GLN A 921 23.76 0.89 12.65
CA GLN A 921 23.84 2.30 13.00
C GLN A 921 23.57 3.18 11.79
N ARG A 922 24.33 2.97 10.70
CA ARG A 922 24.15 3.79 9.51
C ARG A 922 22.76 3.64 8.91
N PHE A 923 22.20 2.43 8.95
CA PHE A 923 20.86 2.23 8.40
C PHE A 923 19.78 2.90 9.23
N GLN A 924 19.95 2.98 10.55
CA GLN A 924 19.06 3.83 11.33
C GLN A 924 19.21 5.30 10.97
N GLU A 925 20.46 5.76 10.75
CA GLU A 925 20.65 7.11 10.23
C GLU A 925 19.93 7.32 8.90
N LEU A 926 20.11 6.42 7.95
CA LEU A 926 19.37 6.50 6.69
C LEU A 926 17.87 6.58 6.90
N PHE A 927 17.31 5.69 7.70
CA PHE A 927 15.89 5.76 8.01
C PHE A 927 15.52 7.13 8.58
N ASP A 928 16.28 7.61 9.55
CA ASP A 928 16.01 8.93 10.13
C ASP A 928 16.12 10.04 9.09
N SER A 929 17.09 9.94 8.17
CA SER A 929 17.23 10.94 7.11
C SER A 929 16.02 10.96 6.19
N HIS A 930 15.67 9.81 5.60
CA HIS A 930 14.39 9.71 4.89
C HIS A 930 13.24 10.21 5.73
N GLN A 931 13.17 9.77 6.98
CA GLN A 931 12.07 10.16 7.85
C GLN A 931 12.02 11.67 8.06
N ASP A 932 13.16 12.31 8.34
CA ASP A 932 13.13 13.75 8.59
C ASP A 932 13.04 14.58 7.30
N LEU A 933 13.51 14.07 6.16
CA LEU A 933 13.16 14.68 4.87
C LEU A 933 11.65 14.65 4.61
N HIS A 934 11.02 13.50 4.83
CA HIS A 934 9.56 13.47 4.79
C HIS A 934 8.96 14.40 5.84
N SER A 935 9.61 14.53 6.99
CA SER A 935 9.13 15.44 8.03
C SER A 935 9.20 16.90 7.60
N GLU A 936 10.17 17.27 6.76
CA GLU A 936 10.18 18.63 6.20
C GLU A 936 9.01 18.85 5.23
N ALA A 937 8.73 17.88 4.37
CA ALA A 937 7.54 17.97 3.52
C ALA A 937 6.26 17.98 4.34
N TRP A 938 6.19 17.15 5.38
CA TRP A 938 5.05 17.15 6.30
C TRP A 938 5.01 18.41 7.14
N PHE A 939 6.17 18.98 7.45
CA PHE A 939 6.25 20.29 8.09
C PHE A 939 5.77 21.43 7.18
N LEU A 940 6.11 21.41 5.88
CA LEU A 940 5.51 22.36 4.94
C LEU A 940 4.02 22.12 4.75
N PHE A 941 3.59 20.86 4.70
CA PHE A 941 2.17 20.56 4.68
C PHE A 941 1.47 21.22 5.86
N LEU A 942 1.95 20.94 7.08
CA LEU A 942 1.37 21.52 8.28
C LEU A 942 1.41 23.06 8.25
N THR A 943 2.61 23.64 8.07
CA THR A 943 2.74 25.10 8.13
C THR A 943 2.06 25.81 6.97
N THR A 944 2.15 25.29 5.74
CA THR A 944 1.48 25.96 4.62
C THR A 944 -0.04 25.85 4.72
N SER A 945 -0.53 24.71 5.16
CA SER A 945 -1.95 24.55 5.41
C SER A 945 -2.45 25.45 6.54
N ARG A 946 -1.60 25.73 7.54
CA ARG A 946 -1.94 26.75 8.55
C ARG A 946 -1.91 28.17 7.97
N TRP A 947 -0.89 28.50 7.20
CA TRP A 947 -0.81 29.82 6.59
C TRP A 947 -2.09 30.17 5.85
N PHE A 948 -2.64 29.20 5.10
CA PHE A 948 -3.88 29.40 4.36
C PHE A 948 -5.09 29.45 5.28
N ALA A 949 -5.20 28.48 6.20
CA ALA A 949 -6.30 28.46 7.16
C ALA A 949 -6.36 29.73 7.98
N VAL A 950 -5.22 30.24 8.43
CA VAL A 950 -5.19 31.49 9.19
C VAL A 950 -5.84 32.64 8.40
N ARG A 951 -5.39 32.87 7.17
CA ARG A 951 -5.92 33.99 6.38
C ARG A 951 -7.35 33.75 5.88
N LEU A 952 -7.73 32.52 5.57
CA LEU A 952 -9.15 32.25 5.36
C LEU A 952 -9.97 32.67 6.58
N ASP A 953 -9.59 32.24 7.78
CA ASP A 953 -10.25 32.71 8.99
C ASP A 953 -10.15 34.23 9.14
N ALA A 954 -9.08 34.83 8.63
CA ALA A 954 -8.98 36.29 8.64
C ALA A 954 -10.11 36.94 7.84
N ILE A 955 -10.27 36.55 6.57
CA ILE A 955 -11.33 37.16 5.76
C ILE A 955 -12.69 36.74 6.27
N CYS A 956 -12.81 35.54 6.84
CA CYS A 956 -14.06 35.15 7.48
C CYS A 956 -14.35 36.03 8.68
N ALA A 957 -13.32 36.42 9.44
CA ALA A 957 -13.52 37.32 10.56
C ALA A 957 -13.89 38.73 10.12
N VAL A 958 -13.37 39.19 8.99
CA VAL A 958 -13.83 40.45 8.40
C VAL A 958 -15.32 40.39 8.08
N PHE A 959 -15.78 39.24 7.56
CA PHE A 959 -17.21 39.04 7.34
C PHE A 959 -18.00 39.13 8.64
N VAL A 960 -17.53 38.45 9.69
CA VAL A 960 -18.16 38.58 11.00
C VAL A 960 -18.21 40.05 11.42
N ILE A 961 -17.08 40.75 11.29
CA ILE A 961 -17.03 42.18 11.60
C ILE A 961 -18.04 42.97 10.78
N VAL A 962 -18.07 42.74 9.46
CA VAL A 962 -19.01 43.44 8.59
C VAL A 962 -20.45 43.19 9.03
N VAL A 963 -20.82 41.92 9.22
CA VAL A 963 -22.17 41.57 9.68
C VAL A 963 -22.50 42.31 10.97
N ALA A 964 -21.64 42.16 11.99
CA ALA A 964 -21.86 42.83 13.28
C ALA A 964 -22.04 44.33 13.11
N PHE A 965 -21.02 45.03 12.63
CA PHE A 965 -21.07 46.49 12.54
C PHE A 965 -22.12 46.97 11.55
N GLY A 966 -22.23 46.32 10.40
CA GLY A 966 -23.26 46.70 9.43
C GLY A 966 -24.67 46.56 9.98
N SER A 967 -24.90 45.57 10.85
CA SER A 967 -26.20 45.47 11.51
C SER A 967 -26.46 46.67 12.40
N LEU A 968 -25.42 47.19 13.06
CA LEU A 968 -25.55 48.39 13.87
C LEU A 968 -25.72 49.65 13.01
N ILE A 969 -25.01 49.72 11.89
CA ILE A 969 -25.16 50.82 10.92
C ILE A 969 -26.57 50.85 10.31
N LEU A 970 -27.20 49.69 10.13
CA LEU A 970 -28.52 49.57 9.50
C LEU A 970 -29.66 49.32 10.50
N ALA A 971 -29.41 49.50 11.79
CA ALA A 971 -30.27 48.91 12.82
C ALA A 971 -31.74 49.30 12.70
N LYS A 972 -32.06 50.46 12.13
CA LYS A 972 -33.46 50.82 11.94
C LYS A 972 -34.23 49.82 11.08
N THR A 973 -33.53 49.08 10.22
CA THR A 973 -34.15 48.25 9.19
C THR A 973 -34.31 46.78 9.56
N LEU A 974 -33.81 46.33 10.72
CA LEU A 974 -33.75 44.92 11.06
C LEU A 974 -34.46 44.60 12.37
N ASP A 975 -35.06 43.41 12.43
CA ASP A 975 -35.59 42.83 13.65
C ASP A 975 -34.55 41.93 14.36
N ALA A 976 -34.74 41.77 15.67
CA ALA A 976 -33.77 41.06 16.50
C ALA A 976 -33.54 39.62 16.05
N GLY A 977 -34.59 38.92 15.66
CA GLY A 977 -34.44 37.55 15.18
C GLY A 977 -33.73 37.44 13.86
N GLN A 978 -33.88 38.43 12.99
CA GLN A 978 -33.12 38.44 11.74
C GLN A 978 -31.62 38.58 12.00
N VAL A 979 -31.23 39.55 12.83
CA VAL A 979 -29.83 39.74 13.19
C VAL A 979 -29.31 38.55 13.98
N GLY A 980 -30.08 38.06 14.95
CA GLY A 980 -29.64 36.88 15.69
C GLY A 980 -29.37 35.69 14.79
N LEU A 981 -30.28 35.40 13.86
CA LEU A 981 -30.03 34.38 12.86
C LEU A 981 -28.77 34.67 12.05
N ALA A 982 -28.70 35.86 11.42
CA ALA A 982 -27.54 36.20 10.60
C ALA A 982 -26.22 36.09 11.36
N LEU A 983 -26.17 36.62 12.59
CA LEU A 983 -24.92 36.59 13.38
C LEU A 983 -24.58 35.20 13.86
N SER A 984 -25.52 34.49 14.46
CA SER A 984 -25.30 33.10 14.82
C SER A 984 -24.67 32.32 13.68
N TYR A 985 -25.27 32.40 12.49
CA TYR A 985 -24.70 31.75 11.32
C TYR A 985 -23.30 32.26 11.00
N ALA A 986 -23.10 33.58 11.04
CA ALA A 986 -21.77 34.14 10.77
C ALA A 986 -20.71 33.61 11.74
N LEU A 987 -21.00 33.63 13.03
CA LEU A 987 -20.07 33.04 14.01
C LEU A 987 -19.69 31.60 13.66
N THR A 988 -20.66 30.79 13.25
CA THR A 988 -20.40 29.41 12.84
C THR A 988 -19.50 29.30 11.62
N LEU A 989 -19.31 30.38 10.87
CA LEU A 989 -18.49 30.34 9.67
C LEU A 989 -17.03 30.07 9.99
N MET A 990 -16.55 30.55 11.14
CA MET A 990 -15.17 30.34 11.54
C MET A 990 -14.88 28.86 11.75
N GLY A 991 -13.80 28.39 11.13
CA GLY A 991 -13.48 26.98 11.09
C GLY A 991 -14.20 26.20 10.02
N MET A 992 -15.50 26.43 9.86
CA MET A 992 -16.27 25.77 8.81
C MET A 992 -15.73 26.10 7.42
N PHE A 993 -15.58 27.40 7.11
CA PHE A 993 -15.25 27.81 5.75
C PHE A 993 -13.87 27.35 5.34
N GLN A 994 -12.89 27.48 6.23
CA GLN A 994 -11.54 26.99 5.92
C GLN A 994 -11.49 25.47 5.81
N TRP A 995 -12.23 24.75 6.66
CA TRP A 995 -12.34 23.30 6.53
C TRP A 995 -12.97 22.91 5.19
N CYS A 996 -14.06 23.58 4.80
CA CYS A 996 -14.66 23.40 3.48
C CYS A 996 -13.63 23.53 2.36
N VAL A 997 -12.89 24.65 2.32
CA VAL A 997 -11.95 24.90 1.24
C VAL A 997 -10.85 23.84 1.21
N ARG A 998 -10.22 23.56 2.34
CA ARG A 998 -9.17 22.54 2.35
C ARG A 998 -9.70 21.14 2.07
N GLN A 999 -10.92 20.82 2.51
CA GLN A 999 -11.54 19.55 2.14
C GLN A 999 -11.79 19.45 0.64
N SER A 1000 -12.26 20.54 0.04
CA SER A 1000 -12.37 20.60 -1.42
C SER A 1000 -11.05 20.27 -2.10
N ALA A 1001 -9.96 20.84 -1.60
CA ALA A 1001 -8.64 20.47 -2.10
C ALA A 1001 -8.33 18.98 -1.89
N GLU A 1002 -8.71 18.41 -0.74
CA GLU A 1002 -8.56 16.96 -0.55
C GLU A 1002 -9.37 16.17 -1.58
N VAL A 1003 -10.63 16.55 -1.78
CA VAL A 1003 -11.47 15.88 -2.78
C VAL A 1003 -10.80 15.87 -4.14
N GLU A 1004 -10.41 17.05 -4.64
CA GLU A 1004 -9.78 17.15 -5.95
C GLU A 1004 -8.46 16.38 -6.01
N ASN A 1005 -7.75 16.27 -4.90
CA ASN A 1005 -6.51 15.49 -4.89
C ASN A 1005 -6.79 14.00 -5.01
N MET A 1006 -7.84 13.50 -4.35
CA MET A 1006 -8.18 12.09 -4.43
C MET A 1006 -8.72 11.71 -5.81
N MET A 1007 -9.48 12.60 -6.46
CA MET A 1007 -10.01 12.30 -7.78
C MET A 1007 -8.95 11.90 -8.79
N ILE A 1008 -7.67 12.17 -8.50
CA ILE A 1008 -6.60 11.69 -9.36
C ILE A 1008 -6.50 10.17 -9.28
N SER A 1009 -6.82 9.59 -8.12
CA SER A 1009 -6.94 8.14 -8.00
C SER A 1009 -8.08 7.62 -8.87
N VAL A 1010 -9.27 8.19 -8.73
CA VAL A 1010 -10.40 7.79 -9.58
C VAL A 1010 -10.00 7.86 -11.05
N GLU A 1011 -9.46 9.00 -11.49
CA GLU A 1011 -9.03 9.12 -12.88
C GLU A 1011 -8.04 8.02 -13.26
N ARG A 1012 -7.17 7.60 -12.33
CA ARG A 1012 -6.21 6.54 -12.64
C ARG A 1012 -6.86 5.17 -12.80
N VAL A 1013 -7.96 4.90 -12.10
CA VAL A 1013 -8.61 3.60 -12.26
C VAL A 1013 -9.58 3.60 -13.44
N ILE A 1014 -10.25 4.73 -13.70
CA ILE A 1014 -11.22 4.73 -14.78
C ILE A 1014 -10.54 4.42 -16.10
N GLU A 1015 -9.28 4.83 -16.27
CA GLU A 1015 -8.60 4.54 -17.52
C GLU A 1015 -8.42 3.04 -17.73
N TYR A 1016 -8.23 2.28 -16.65
CA TYR A 1016 -8.05 0.83 -16.77
C TYR A 1016 -9.36 0.09 -17.00
N THR A 1017 -10.51 0.77 -16.95
CA THR A 1017 -11.77 0.17 -17.39
C THR A 1017 -11.92 0.23 -18.91
N ASP A 1018 -11.00 0.89 -19.61
CA ASP A 1018 -11.12 1.14 -21.04
C ASP A 1018 -9.95 0.53 -21.83
N LEU A 1019 -9.28 -0.49 -21.30
CA LEU A 1019 -8.19 -1.11 -22.03
C LEU A 1019 -8.70 -1.88 -23.24
N GLU A 1020 -7.82 -2.07 -24.21
CA GLU A 1020 -8.09 -3.01 -25.29
C GLU A 1020 -8.08 -4.44 -24.75
N LYS A 1021 -8.82 -5.33 -25.43
CA LYS A 1021 -9.06 -6.66 -24.93
C LYS A 1021 -8.70 -7.70 -25.98
N GLU A 1022 -8.15 -8.82 -25.52
CA GLU A 1022 -7.82 -9.95 -26.38
C GLU A 1022 -9.08 -10.46 -27.10
N ALA A 1023 -8.85 -11.32 -28.09
CA ALA A 1023 -9.95 -11.93 -28.81
C ALA A 1023 -10.82 -12.75 -27.85
N PRO A 1024 -12.11 -12.91 -28.14
CA PRO A 1024 -12.98 -13.62 -27.20
C PRO A 1024 -12.48 -15.02 -26.88
N TRP A 1025 -12.73 -15.46 -25.66
CA TRP A 1025 -12.28 -16.78 -25.22
C TRP A 1025 -12.99 -17.90 -25.99
N GLU A 1026 -14.24 -17.68 -26.38
CA GLU A 1026 -14.99 -18.64 -27.18
C GLU A 1026 -15.68 -17.93 -28.32
N TYR A 1027 -15.60 -18.53 -29.51
CA TYR A 1027 -16.32 -18.05 -30.66
C TYR A 1027 -17.72 -18.68 -30.68
N GLN A 1028 -18.59 -18.13 -31.53
CA GLN A 1028 -19.88 -18.75 -31.76
C GLN A 1028 -19.70 -20.14 -32.35
N LYS A 1029 -18.77 -20.28 -33.29
CA LYS A 1029 -18.29 -21.60 -33.66
C LYS A 1029 -17.46 -22.17 -32.53
N ARG A 1030 -17.73 -23.43 -32.16
CA ARG A 1030 -16.96 -24.12 -31.16
C ARG A 1030 -16.51 -25.47 -31.70
N PRO A 1031 -15.32 -25.94 -31.33
CA PRO A 1031 -14.85 -27.23 -31.81
C PRO A 1031 -15.62 -28.38 -31.18
N LEU A 1032 -15.48 -29.55 -31.78
CA LEU A 1032 -16.08 -30.76 -31.23
C LEU A 1032 -15.43 -31.09 -29.88
N PRO A 1033 -16.18 -31.68 -28.96
CA PRO A 1033 -15.58 -32.06 -27.67
C PRO A 1033 -14.46 -33.08 -27.81
N SER A 1034 -14.42 -33.82 -28.91
CA SER A 1034 -13.29 -34.70 -29.19
C SER A 1034 -12.11 -33.95 -29.78
N TRP A 1035 -12.31 -32.73 -30.24
CA TRP A 1035 -11.23 -31.94 -30.81
C TRP A 1035 -10.40 -31.32 -29.69
N PRO A 1036 -9.06 -31.30 -29.81
CA PRO A 1036 -8.25 -31.89 -30.88
C PRO A 1036 -8.26 -33.40 -30.82
N HIS A 1037 -8.57 -34.05 -31.93
CA HIS A 1037 -8.60 -35.50 -32.00
C HIS A 1037 -7.27 -36.10 -32.43
N GLU A 1038 -6.35 -35.28 -32.92
CA GLU A 1038 -5.06 -35.76 -33.42
C GLU A 1038 -3.88 -34.91 -33.01
N GLY A 1039 -4.08 -33.67 -32.57
CA GLY A 1039 -2.97 -32.83 -32.17
C GLY A 1039 -2.08 -32.38 -33.31
N VAL A 1040 -2.63 -32.23 -34.51
CA VAL A 1040 -1.87 -31.70 -35.63
C VAL A 1040 -1.69 -30.19 -35.45
N ILE A 1041 -0.48 -29.70 -35.69
CA ILE A 1041 -0.17 -28.27 -35.66
C ILE A 1041 0.48 -27.92 -36.98
N ILE A 1042 0.05 -26.82 -37.59
CA ILE A 1042 0.66 -26.31 -38.82
C ILE A 1042 0.90 -24.82 -38.67
N PHE A 1043 2.13 -24.40 -38.94
CA PHE A 1043 2.45 -23.00 -39.19
C PHE A 1043 2.65 -22.81 -40.68
N ASP A 1044 2.04 -21.76 -41.23
CA ASP A 1044 2.06 -21.51 -42.67
C ASP A 1044 2.20 -20.02 -42.90
N ASN A 1045 3.40 -19.60 -43.33
CA ASN A 1045 3.67 -18.19 -43.63
C ASN A 1045 3.29 -17.29 -42.46
N VAL A 1046 3.59 -17.75 -41.25
CA VAL A 1046 3.19 -17.03 -40.04
C VAL A 1046 4.21 -15.94 -39.74
N ASN A 1047 3.71 -14.72 -39.50
CA ASN A 1047 4.50 -13.62 -38.99
C ASN A 1047 3.89 -13.17 -37.68
N PHE A 1048 4.74 -12.83 -36.71
CA PHE A 1048 4.26 -12.51 -35.38
C PHE A 1048 5.17 -11.45 -34.76
N SER A 1049 4.54 -10.46 -34.12
CA SER A 1049 5.25 -9.42 -33.39
C SER A 1049 4.46 -9.06 -32.15
N TYR A 1050 5.17 -8.75 -31.07
CA TYR A 1050 4.50 -8.42 -29.82
C TYR A 1050 3.60 -7.20 -29.94
N SER A 1051 3.84 -6.34 -30.92
CA SER A 1051 3.02 -5.16 -31.10
C SER A 1051 2.99 -4.80 -32.58
N LEU A 1052 1.93 -4.10 -32.99
CA LEU A 1052 1.86 -3.62 -34.36
C LEU A 1052 2.99 -2.64 -34.66
N ASP A 1053 3.42 -1.88 -33.66
CA ASP A 1053 4.48 -0.90 -33.84
C ASP A 1053 5.88 -1.49 -33.68
N GLY A 1054 5.99 -2.78 -33.34
CA GLY A 1054 7.26 -3.39 -33.07
C GLY A 1054 7.81 -4.13 -34.27
N PRO A 1055 9.04 -4.61 -34.16
CA PRO A 1055 9.63 -5.41 -35.24
C PRO A 1055 9.01 -6.79 -35.29
N LEU A 1056 9.07 -7.40 -36.48
CA LEU A 1056 8.64 -8.78 -36.65
C LEU A 1056 9.68 -9.69 -36.01
N VAL A 1057 9.35 -10.22 -34.82
CA VAL A 1057 10.23 -11.17 -34.16
C VAL A 1057 10.12 -12.56 -34.75
N LEU A 1058 9.03 -12.85 -35.46
CA LEU A 1058 8.90 -14.06 -36.27
C LEU A 1058 8.45 -13.66 -37.66
N LYS A 1059 9.09 -14.25 -38.67
CA LYS A 1059 8.78 -13.95 -40.06
C LYS A 1059 8.75 -15.22 -40.88
N HIS A 1060 7.71 -15.37 -41.70
CA HIS A 1060 7.58 -16.49 -42.63
C HIS A 1060 7.62 -17.84 -41.94
N LEU A 1061 7.35 -17.88 -40.63
CA LEU A 1061 7.38 -19.12 -39.88
C LEU A 1061 6.43 -20.13 -40.53
N THR A 1062 6.97 -21.27 -40.93
CA THR A 1062 6.22 -22.26 -41.69
C THR A 1062 6.71 -23.65 -41.31
N ALA A 1063 5.84 -24.45 -40.68
CA ALA A 1063 6.23 -25.77 -40.23
C ALA A 1063 4.99 -26.61 -39.96
N LEU A 1064 5.14 -27.92 -40.17
CA LEU A 1064 4.15 -28.91 -39.79
C LEU A 1064 4.65 -29.68 -38.58
N ILE A 1065 3.75 -29.94 -37.63
CA ILE A 1065 4.01 -30.83 -36.51
C ILE A 1065 2.87 -31.84 -36.46
N LYS A 1066 3.20 -33.11 -36.61
CA LYS A 1066 2.19 -34.16 -36.70
C LYS A 1066 1.80 -34.65 -35.31
N SER A 1067 0.98 -35.70 -35.26
CA SER A 1067 0.36 -36.14 -34.02
C SER A 1067 1.32 -36.88 -33.10
N LYS A 1068 2.33 -37.54 -33.65
CA LYS A 1068 3.16 -38.47 -32.88
C LYS A 1068 4.55 -37.94 -32.55
N GLU A 1069 5.08 -37.02 -33.35
CA GLU A 1069 6.51 -36.72 -33.29
C GLU A 1069 6.83 -35.76 -32.14
N LYS A 1070 8.07 -35.82 -31.66
CA LYS A 1070 8.58 -34.93 -30.64
C LYS A 1070 9.51 -33.93 -31.31
N VAL A 1071 9.30 -32.64 -31.03
CA VAL A 1071 10.04 -31.56 -31.69
C VAL A 1071 10.66 -30.67 -30.63
N GLY A 1072 11.94 -30.34 -30.81
CA GLY A 1072 12.62 -29.39 -29.97
C GLY A 1072 12.67 -28.01 -30.60
N ILE A 1073 12.62 -27.00 -29.76
CA ILE A 1073 12.68 -25.60 -30.20
C ILE A 1073 13.97 -25.01 -29.65
N VAL A 1074 14.87 -24.61 -30.55
CA VAL A 1074 16.23 -24.23 -30.18
C VAL A 1074 16.60 -22.97 -30.94
N GLY A 1075 17.54 -22.22 -30.39
CA GLY A 1075 17.99 -20.99 -31.00
C GLY A 1075 18.60 -20.06 -29.99
N ARG A 1076 19.32 -19.07 -30.51
CA ARG A 1076 20.03 -18.13 -29.65
C ARG A 1076 19.06 -17.35 -28.78
N THR A 1077 19.60 -16.73 -27.73
CA THR A 1077 18.87 -15.78 -26.91
C THR A 1077 18.27 -14.67 -27.77
N GLY A 1078 16.97 -14.45 -27.63
CA GLY A 1078 16.28 -13.48 -28.44
C GLY A 1078 16.04 -13.90 -29.87
N ALA A 1079 16.37 -15.14 -30.22
CA ALA A 1079 16.14 -15.63 -31.58
C ALA A 1079 14.66 -15.83 -31.86
N GLY A 1080 13.81 -15.80 -30.84
CA GLY A 1080 12.37 -15.90 -31.01
C GLY A 1080 11.74 -17.16 -30.46
N LYS A 1081 12.46 -17.95 -29.66
CA LYS A 1081 11.88 -19.17 -29.10
C LYS A 1081 10.59 -18.85 -28.36
N SER A 1082 10.68 -17.96 -27.36
CA SER A 1082 9.49 -17.57 -26.62
C SER A 1082 8.44 -16.95 -27.53
N SER A 1083 8.87 -16.37 -28.65
CA SER A 1083 7.90 -15.83 -29.60
C SER A 1083 7.02 -16.92 -30.18
N LEU A 1084 7.56 -18.13 -30.34
CA LEU A 1084 6.75 -19.23 -30.85
C LEU A 1084 5.66 -19.62 -29.85
N ILE A 1085 6.00 -19.71 -28.57
CA ILE A 1085 4.99 -19.98 -27.55
C ILE A 1085 3.96 -18.88 -27.54
N ALA A 1086 4.39 -17.63 -27.67
CA ALA A 1086 3.44 -16.53 -27.67
C ALA A 1086 2.49 -16.60 -28.86
N ALA A 1087 3.02 -16.98 -30.02
CA ALA A 1087 2.15 -17.13 -31.20
C ALA A 1087 1.19 -18.30 -31.03
N LEU A 1088 1.70 -19.45 -30.60
CA LEU A 1088 0.87 -20.66 -30.53
C LEU A 1088 -0.28 -20.49 -29.55
N PHE A 1089 -0.02 -19.91 -28.39
CA PHE A 1089 -1.09 -19.53 -27.47
C PHE A 1089 -1.78 -18.25 -27.90
N ARG A 1090 -1.35 -17.63 -28.99
CA ARG A 1090 -1.86 -16.33 -29.41
C ARG A 1090 -1.77 -15.33 -28.27
N LEU A 1091 -0.59 -15.25 -27.64
CA LEU A 1091 -0.35 -14.22 -26.66
C LEU A 1091 -0.26 -12.84 -27.28
N SER A 1092 0.15 -12.77 -28.55
CA SER A 1092 -0.11 -11.63 -29.40
C SER A 1092 -0.55 -12.14 -30.76
N GLU A 1093 -1.53 -11.47 -31.35
CA GLU A 1093 -2.21 -12.00 -32.52
C GLU A 1093 -1.21 -12.20 -33.66
N PRO A 1094 -1.04 -13.42 -34.17
CA PRO A 1094 -0.12 -13.63 -35.29
C PRO A 1094 -0.73 -13.20 -36.61
N GLU A 1095 0.16 -12.94 -37.56
CA GLU A 1095 -0.22 -12.84 -38.97
C GLU A 1095 -0.09 -14.21 -39.62
N GLY A 1096 -0.90 -14.45 -40.63
CA GLY A 1096 -0.83 -15.69 -41.37
C GLY A 1096 -1.73 -16.78 -40.80
N LYS A 1097 -1.45 -18.01 -41.22
CA LYS A 1097 -2.30 -19.16 -40.98
C LYS A 1097 -1.65 -20.09 -39.96
N ILE A 1098 -2.43 -20.47 -38.94
CA ILE A 1098 -2.05 -21.53 -38.00
C ILE A 1098 -3.23 -22.49 -37.92
N TRP A 1099 -3.02 -23.72 -38.39
CA TRP A 1099 -4.04 -24.75 -38.35
C TRP A 1099 -3.78 -25.70 -37.20
N ILE A 1100 -4.85 -26.10 -36.50
CA ILE A 1100 -4.82 -27.22 -35.58
C ILE A 1100 -5.97 -28.14 -35.93
N ASP A 1101 -5.65 -29.38 -36.30
CA ASP A 1101 -6.64 -30.38 -36.70
C ASP A 1101 -7.61 -29.80 -37.73
N LYS A 1102 -7.06 -29.19 -38.77
CA LYS A 1102 -7.82 -28.61 -39.87
C LYS A 1102 -8.71 -27.45 -39.43
N ILE A 1103 -8.60 -26.99 -38.18
CA ILE A 1103 -9.25 -25.77 -37.71
C ILE A 1103 -8.18 -24.69 -37.58
N LEU A 1104 -8.46 -23.52 -38.14
CA LEU A 1104 -7.58 -22.38 -37.94
C LEU A 1104 -7.68 -21.91 -36.50
N THR A 1105 -6.55 -21.87 -35.80
CA THR A 1105 -6.55 -21.41 -34.42
C THR A 1105 -7.21 -20.05 -34.27
N THR A 1106 -7.19 -19.25 -35.33
CA THR A 1106 -7.82 -17.93 -35.30
C THR A 1106 -9.33 -18.00 -35.48
N GLU A 1107 -9.86 -19.15 -35.91
CA GLU A 1107 -11.30 -19.33 -36.09
C GLU A 1107 -11.96 -19.96 -34.88
N ILE A 1108 -11.28 -20.03 -33.74
CA ILE A 1108 -11.84 -20.57 -32.51
C ILE A 1108 -11.46 -19.65 -31.37
N GLY A 1109 -12.17 -19.82 -30.25
CA GLY A 1109 -11.89 -19.01 -29.08
C GLY A 1109 -10.54 -19.30 -28.48
N LEU A 1110 -10.11 -18.39 -27.61
CA LEU A 1110 -8.81 -18.52 -26.97
C LEU A 1110 -8.81 -19.68 -25.98
N HIS A 1111 -9.90 -19.86 -25.23
CA HIS A 1111 -9.95 -20.97 -24.27
C HIS A 1111 -10.05 -22.32 -24.97
N ASP A 1112 -10.68 -22.38 -26.15
CA ASP A 1112 -10.75 -23.64 -26.87
C ASP A 1112 -9.37 -24.26 -27.03
N LEU A 1113 -8.40 -23.50 -27.55
CA LEU A 1113 -7.07 -24.04 -27.78
C LEU A 1113 -6.16 -23.94 -26.57
N ARG A 1114 -6.35 -22.94 -25.71
CA ARG A 1114 -5.50 -22.82 -24.54
C ARG A 1114 -5.73 -23.98 -23.57
N LYS A 1115 -6.99 -24.35 -23.36
CA LYS A 1115 -7.29 -25.45 -22.46
C LYS A 1115 -6.81 -26.78 -23.02
N LYS A 1116 -6.71 -26.89 -24.34
CA LYS A 1116 -6.33 -28.14 -24.99
C LYS A 1116 -4.82 -28.27 -25.21
N MET A 1117 -4.03 -27.32 -24.77
CA MET A 1117 -2.57 -27.43 -24.79
C MET A 1117 -2.03 -27.31 -23.37
N SER A 1118 -1.11 -28.18 -23.01
CA SER A 1118 -0.46 -28.16 -21.72
C SER A 1118 0.88 -27.41 -21.80
N ILE A 1119 1.20 -26.71 -20.71
CA ILE A 1119 2.40 -25.88 -20.63
C ILE A 1119 3.09 -26.15 -19.29
N ILE A 1120 4.40 -26.33 -19.33
CA ILE A 1120 5.24 -26.39 -18.12
C ILE A 1120 6.08 -25.13 -18.10
N PRO A 1121 5.80 -24.16 -17.22
CA PRO A 1121 6.48 -22.86 -17.31
C PRO A 1121 7.97 -22.97 -17.00
N GLN A 1122 8.68 -21.90 -17.37
CA GLN A 1122 10.10 -21.83 -17.11
C GLN A 1122 10.40 -21.92 -15.62
N GLU A 1123 9.61 -21.24 -14.80
CA GLU A 1123 9.77 -21.27 -13.35
C GLU A 1123 8.42 -21.56 -12.70
N PRO A 1124 8.35 -22.50 -11.76
CA PRO A 1124 7.06 -22.85 -11.18
C PRO A 1124 6.52 -21.74 -10.30
N VAL A 1125 5.19 -21.71 -10.18
CA VAL A 1125 4.51 -20.77 -9.30
C VAL A 1125 3.42 -21.55 -8.56
N LEU A 1126 3.34 -21.33 -7.25
CA LEU A 1126 2.29 -21.90 -6.42
C LEU A 1126 1.45 -20.78 -5.83
N PHE A 1127 0.16 -21.05 -5.66
CA PHE A 1127 -0.79 -20.05 -5.22
C PHE A 1127 -1.38 -20.41 -3.86
N THR A 1128 -1.56 -19.39 -3.02
CA THR A 1128 -2.02 -19.60 -1.66
C THR A 1128 -3.36 -20.32 -1.64
N GLY A 1129 -3.50 -21.28 -0.72
CA GLY A 1129 -4.62 -22.17 -0.63
C GLY A 1129 -4.13 -23.60 -0.50
N THR A 1130 -5.03 -24.54 -0.76
CA THR A 1130 -4.73 -25.94 -0.55
C THR A 1130 -3.84 -26.47 -1.66
N MET A 1131 -3.16 -27.59 -1.38
CA MET A 1131 -2.44 -28.31 -2.41
C MET A 1131 -3.41 -28.91 -3.43
N ARG A 1132 -4.67 -29.10 -3.05
CA ARG A 1132 -5.68 -29.54 -3.99
C ARG A 1132 -5.97 -28.46 -5.03
N LYS A 1133 -6.12 -27.21 -4.58
CA LYS A 1133 -6.28 -26.10 -5.51
C LYS A 1133 -5.15 -26.03 -6.52
N ASN A 1134 -3.91 -26.13 -6.04
CA ASN A 1134 -2.75 -26.05 -6.92
C ASN A 1134 -2.68 -27.21 -7.90
N LEU A 1135 -3.57 -28.20 -7.80
CA LEU A 1135 -3.60 -29.32 -8.71
C LEU A 1135 -4.92 -29.45 -9.45
N ASP A 1136 -6.04 -29.11 -8.82
CA ASP A 1136 -7.37 -29.27 -9.41
C ASP A 1136 -8.23 -28.10 -8.96
N PRO A 1137 -7.98 -26.92 -9.53
CA PRO A 1137 -8.70 -25.73 -9.04
C PRO A 1137 -10.19 -25.74 -9.32
N PHE A 1138 -10.64 -26.53 -10.30
CA PHE A 1138 -12.07 -26.64 -10.57
C PHE A 1138 -12.72 -27.81 -9.84
N ASN A 1139 -11.96 -28.57 -9.07
CA ASN A 1139 -12.48 -29.64 -8.23
C ASN A 1139 -13.42 -30.56 -9.02
N GLU A 1140 -12.86 -31.19 -10.05
CA GLU A 1140 -13.61 -32.15 -10.84
C GLU A 1140 -12.99 -33.54 -10.88
N HIS A 1141 -11.76 -33.70 -10.39
CA HIS A 1141 -11.12 -35.00 -10.36
C HIS A 1141 -11.38 -35.73 -9.04
N SER A 1142 -11.29 -37.05 -9.08
CA SER A 1142 -11.35 -37.86 -7.88
C SER A 1142 -10.03 -37.80 -7.12
N ASP A 1143 -10.13 -37.89 -5.78
CA ASP A 1143 -8.93 -37.90 -4.96
C ASP A 1143 -8.01 -39.07 -5.30
N GLU A 1144 -8.57 -40.15 -5.86
CA GLU A 1144 -7.73 -41.25 -6.33
C GLU A 1144 -6.74 -40.77 -7.38
N GLU A 1145 -7.22 -39.98 -8.34
CA GLU A 1145 -6.34 -39.45 -9.37
C GLU A 1145 -5.32 -38.49 -8.78
N LEU A 1146 -5.72 -37.67 -7.81
CA LEU A 1146 -4.77 -36.76 -7.17
C LEU A 1146 -3.64 -37.52 -6.49
N TRP A 1147 -3.97 -38.60 -5.79
CA TRP A 1147 -2.94 -39.37 -5.10
C TRP A 1147 -2.06 -40.13 -6.09
N ASN A 1148 -2.64 -40.63 -7.17
CA ASN A 1148 -1.84 -41.25 -8.22
C ASN A 1148 -0.83 -40.24 -8.76
N ALA A 1149 -1.29 -39.03 -9.07
CA ALA A 1149 -0.40 -38.01 -9.59
C ALA A 1149 0.67 -37.63 -8.56
N LEU A 1150 0.27 -37.48 -7.29
CA LEU A 1150 1.22 -37.12 -6.25
C LEU A 1150 2.24 -38.22 -6.01
N GLU A 1151 1.86 -39.48 -6.23
CA GLU A 1151 2.84 -40.56 -6.24
C GLU A 1151 3.77 -40.44 -7.43
N GLU A 1152 3.20 -40.20 -8.62
CA GLU A 1152 4.02 -40.07 -9.82
C GLU A 1152 5.06 -38.98 -9.67
N VAL A 1153 4.69 -37.85 -9.07
CA VAL A 1153 5.62 -36.73 -8.90
C VAL A 1153 6.42 -36.89 -7.62
N GLN A 1154 6.37 -38.08 -7.01
CA GLN A 1154 7.23 -38.44 -5.89
C GLN A 1154 7.02 -37.56 -4.67
N LEU A 1155 5.87 -36.91 -4.56
CA LEU A 1155 5.62 -35.95 -3.49
C LEU A 1155 4.65 -36.46 -2.44
N LYS A 1156 3.99 -37.60 -2.67
CA LYS A 1156 2.97 -38.08 -1.75
C LYS A 1156 3.47 -38.15 -0.32
N GLU A 1157 4.71 -38.60 -0.12
CA GLU A 1157 5.22 -38.79 1.23
C GLU A 1157 5.25 -37.49 2.01
N ALA A 1158 5.69 -36.40 1.37
CA ALA A 1158 5.76 -35.12 2.07
C ALA A 1158 4.37 -34.61 2.44
N ILE A 1159 3.40 -34.76 1.54
CA ILE A 1159 2.06 -34.26 1.82
C ILE A 1159 1.42 -35.09 2.93
N GLU A 1160 1.61 -36.41 2.90
CA GLU A 1160 1.05 -37.24 3.97
C GLU A 1160 1.77 -36.99 5.29
N ASP A 1161 3.05 -36.62 5.25
CA ASP A 1161 3.72 -36.18 6.47
C ASP A 1161 3.19 -34.85 6.96
N LEU A 1162 2.77 -33.98 6.03
CA LEU A 1162 2.17 -32.72 6.43
C LEU A 1162 0.80 -32.97 7.04
N PRO A 1163 0.41 -32.19 8.05
CA PRO A 1163 -0.74 -32.59 8.87
C PRO A 1163 -2.05 -32.65 8.11
N GLY A 1164 -2.31 -31.70 7.22
CA GLY A 1164 -3.58 -31.67 6.52
C GLY A 1164 -3.65 -32.53 5.30
N LYS A 1165 -2.61 -33.31 5.01
CA LYS A 1165 -2.46 -34.01 3.74
C LYS A 1165 -2.60 -32.97 2.63
N MET A 1166 -3.41 -33.21 1.60
CA MET A 1166 -3.52 -32.24 0.51
C MET A 1166 -4.12 -30.91 0.95
N ASP A 1167 -4.77 -30.86 2.10
CA ASP A 1167 -5.40 -29.64 2.56
C ASP A 1167 -4.47 -28.77 3.40
N THR A 1168 -3.20 -29.13 3.51
CA THR A 1168 -2.24 -28.29 4.21
C THR A 1168 -2.11 -26.94 3.52
N GLU A 1169 -2.10 -25.87 4.30
CA GLU A 1169 -2.04 -24.52 3.77
C GLU A 1169 -0.62 -24.20 3.33
N LEU A 1170 -0.45 -23.86 2.05
CA LEU A 1170 0.85 -23.55 1.49
C LEU A 1170 1.14 -22.06 1.57
N ALA A 1171 2.42 -21.73 1.59
CA ALA A 1171 2.84 -20.33 1.58
C ALA A 1171 2.81 -19.78 0.15
N GLU A 1172 2.67 -18.46 0.06
CA GLU A 1172 2.49 -17.83 -1.25
C GLU A 1172 3.70 -18.06 -2.15
N SER A 1173 4.89 -18.14 -1.58
CA SER A 1173 6.09 -18.45 -2.35
C SER A 1173 6.41 -19.94 -2.38
N GLY A 1174 5.57 -20.76 -1.76
CA GLY A 1174 5.82 -22.19 -1.75
C GLY A 1174 7.06 -22.62 -1.02
N SER A 1175 7.63 -21.75 -0.18
CA SER A 1175 8.85 -22.10 0.54
C SER A 1175 8.68 -23.36 1.36
N ASN A 1176 7.44 -23.77 1.63
CA ASN A 1176 7.19 -25.08 2.21
C ASN A 1176 7.81 -26.20 1.38
N PHE A 1177 8.06 -25.96 0.09
CA PHE A 1177 8.59 -26.97 -0.81
C PHE A 1177 9.86 -26.46 -1.49
N SER A 1178 10.67 -27.42 -1.93
CA SER A 1178 11.89 -27.11 -2.68
C SER A 1178 11.57 -26.76 -4.13
N VAL A 1179 12.57 -26.18 -4.81
CA VAL A 1179 12.41 -25.83 -6.21
C VAL A 1179 12.00 -27.05 -7.03
N GLY A 1180 12.69 -28.17 -6.82
CA GLY A 1180 12.32 -29.39 -7.51
C GLY A 1180 10.90 -29.83 -7.19
N GLN A 1181 10.50 -29.66 -5.93
CA GLN A 1181 9.13 -30.01 -5.55
C GLN A 1181 8.12 -29.09 -6.22
N ARG A 1182 8.46 -27.81 -6.39
CA ARG A 1182 7.58 -26.91 -7.13
C ARG A 1182 7.44 -27.37 -8.58
N GLN A 1183 8.56 -27.67 -9.23
CA GLN A 1183 8.50 -28.23 -10.57
C GLN A 1183 7.64 -29.48 -10.60
N LEU A 1184 7.67 -30.27 -9.52
CA LEU A 1184 6.87 -31.48 -9.45
C LEU A 1184 5.39 -31.15 -9.28
N VAL A 1185 5.06 -30.04 -8.63
CA VAL A 1185 3.66 -29.61 -8.60
C VAL A 1185 3.19 -29.27 -10.01
N CYS A 1186 4.02 -28.54 -10.76
CA CYS A 1186 3.68 -28.23 -12.15
C CYS A 1186 3.53 -29.50 -12.97
N LEU A 1187 4.42 -30.46 -12.79
CA LEU A 1187 4.31 -31.72 -13.53
C LEU A 1187 3.03 -32.46 -13.16
N ALA A 1188 2.63 -32.38 -11.89
CA ALA A 1188 1.39 -33.01 -11.48
C ALA A 1188 0.18 -32.36 -12.15
N ARG A 1189 0.17 -31.02 -12.22
CA ARG A 1189 -0.90 -30.33 -12.95
C ARG A 1189 -0.97 -30.82 -14.40
N ALA A 1190 0.18 -30.92 -15.05
CA ALA A 1190 0.20 -31.38 -16.44
C ALA A 1190 -0.29 -32.82 -16.56
N ILE A 1191 0.04 -33.66 -15.59
CA ILE A 1191 -0.40 -35.05 -15.63
C ILE A 1191 -1.91 -35.13 -15.45
N LEU A 1192 -2.47 -34.36 -14.53
CA LEU A 1192 -3.91 -34.43 -14.28
C LEU A 1192 -4.71 -33.90 -15.46
N ARG A 1193 -4.14 -33.01 -16.25
CA ARG A 1193 -4.79 -32.49 -17.46
C ARG A 1193 -4.33 -33.32 -18.65
N LYS A 1194 -5.13 -34.32 -19.01
CA LYS A 1194 -4.83 -35.11 -20.20
C LYS A 1194 -5.08 -34.28 -21.45
N ASN A 1195 -4.03 -34.06 -22.23
CA ASN A 1195 -4.11 -33.29 -23.46
C ASN A 1195 -3.18 -33.91 -24.49
N ARG A 1196 -3.47 -33.65 -25.76
CA ARG A 1196 -2.69 -34.28 -26.83
C ARG A 1196 -1.29 -33.70 -26.92
N ILE A 1197 -1.15 -32.39 -26.72
CA ILE A 1197 0.09 -31.67 -26.98
C ILE A 1197 0.56 -31.02 -25.69
N LEU A 1198 1.84 -31.22 -25.36
CA LEU A 1198 2.48 -30.59 -24.23
C LEU A 1198 3.60 -29.70 -24.73
N ILE A 1199 3.65 -28.46 -24.23
CA ILE A 1199 4.73 -27.53 -24.52
C ILE A 1199 5.61 -27.39 -23.28
N ILE A 1200 6.90 -27.67 -23.44
CA ILE A 1200 7.86 -27.68 -22.34
C ILE A 1200 8.79 -26.51 -22.54
N ASP A 1201 8.94 -25.69 -21.50
CA ASP A 1201 9.71 -24.45 -21.56
C ASP A 1201 10.95 -24.56 -20.67
N GLU A 1202 12.06 -24.98 -21.28
CA GLU A 1202 13.36 -24.98 -20.60
C GLU A 1202 13.30 -25.75 -19.28
N ALA A 1203 12.44 -26.76 -19.22
CA ALA A 1203 11.96 -27.25 -17.92
C ALA A 1203 13.07 -27.76 -17.01
N THR A 1204 14.22 -28.17 -17.56
CA THR A 1204 15.26 -28.77 -16.73
C THR A 1204 16.63 -28.11 -16.89
N ALA A 1205 16.71 -26.95 -17.54
CA ALA A 1205 18.00 -26.33 -17.81
C ALA A 1205 18.84 -26.14 -16.54
N ASN A 1206 18.19 -25.88 -15.41
CA ASN A 1206 18.84 -25.64 -14.13
C ASN A 1206 18.64 -26.76 -13.10
N VAL A 1207 18.00 -27.86 -13.48
CA VAL A 1207 17.73 -28.93 -12.53
C VAL A 1207 18.97 -29.80 -12.40
N ASP A 1208 19.18 -30.33 -11.20
CA ASP A 1208 20.30 -31.22 -10.96
C ASP A 1208 20.12 -32.53 -11.74
N PRO A 1209 21.22 -33.12 -12.22
CA PRO A 1209 21.08 -34.32 -13.07
C PRO A 1209 20.30 -35.45 -12.40
N ARG A 1210 20.49 -35.66 -11.10
CA ARG A 1210 19.82 -36.77 -10.43
C ARG A 1210 18.32 -36.56 -10.34
N THR A 1211 17.84 -35.32 -10.50
CA THR A 1211 16.41 -35.04 -10.62
C THR A 1211 16.01 -34.85 -12.07
N ASP A 1212 16.92 -34.34 -12.90
CA ASP A 1212 16.63 -34.16 -14.32
C ASP A 1212 16.30 -35.50 -14.97
N GLU A 1213 17.09 -36.53 -14.69
CA GLU A 1213 16.80 -37.84 -15.25
C GLU A 1213 15.44 -38.35 -14.78
N LEU A 1214 15.04 -38.01 -13.56
CA LEU A 1214 13.73 -38.42 -13.07
C LEU A 1214 12.62 -37.81 -13.91
N ILE A 1215 12.64 -36.50 -14.06
CA ILE A 1215 11.59 -35.84 -14.85
C ILE A 1215 11.70 -36.25 -16.31
N GLN A 1216 12.91 -36.54 -16.80
CA GLN A 1216 13.03 -37.08 -18.15
C GLN A 1216 12.29 -38.40 -18.26
N LYS A 1217 12.51 -39.31 -17.32
CA LYS A 1217 11.81 -40.59 -17.35
C LYS A 1217 10.31 -40.40 -17.24
N LYS A 1218 9.87 -39.50 -16.36
CA LYS A 1218 8.44 -39.25 -16.22
C LYS A 1218 7.85 -38.73 -17.54
N ILE A 1219 8.61 -37.90 -18.25
CA ILE A 1219 8.16 -37.43 -19.56
C ILE A 1219 8.06 -38.59 -20.53
N ARG A 1220 9.11 -39.43 -20.58
CA ARG A 1220 9.08 -40.57 -21.49
C ARG A 1220 7.92 -41.50 -21.20
N GLU A 1221 7.45 -41.53 -19.94
CA GLU A 1221 6.38 -42.44 -19.54
C GLU A 1221 4.99 -41.83 -19.73
N LYS A 1222 4.73 -40.68 -19.10
CA LYS A 1222 3.37 -40.18 -18.99
C LYS A 1222 2.87 -39.50 -20.26
N PHE A 1223 3.77 -39.03 -21.13
CA PHE A 1223 3.38 -38.28 -22.32
C PHE A 1223 3.86 -38.97 -23.60
N ALA A 1224 4.13 -40.27 -23.55
CA ALA A 1224 4.66 -40.96 -24.73
C ALA A 1224 3.76 -40.78 -25.94
N HIS A 1225 2.45 -40.68 -25.72
CA HIS A 1225 1.51 -40.55 -26.83
C HIS A 1225 1.40 -39.11 -27.34
N CYS A 1226 1.89 -38.13 -26.59
CA CYS A 1226 1.71 -36.74 -26.96
C CYS A 1226 2.71 -36.28 -28.01
N THR A 1227 2.31 -35.30 -28.80
CA THR A 1227 3.24 -34.43 -29.51
C THR A 1227 3.82 -33.44 -28.52
N VAL A 1228 5.15 -33.27 -28.54
CA VAL A 1228 5.84 -32.48 -27.53
C VAL A 1228 6.74 -31.46 -28.19
N LEU A 1229 6.59 -30.19 -27.80
CA LEU A 1229 7.44 -29.10 -28.25
C LEU A 1229 8.26 -28.61 -27.07
N THR A 1230 9.58 -28.76 -27.15
CA THR A 1230 10.47 -28.51 -26.02
C THR A 1230 11.45 -27.39 -26.36
N ILE A 1231 11.35 -26.29 -25.62
CA ILE A 1231 12.43 -25.31 -25.56
C ILE A 1231 13.48 -25.82 -24.59
N ALA A 1232 14.74 -25.76 -24.97
CA ALA A 1232 15.79 -26.32 -24.12
C ALA A 1232 17.13 -25.64 -24.36
N HIS A 1233 17.70 -25.09 -23.28
CA HIS A 1233 19.15 -24.87 -23.22
C HIS A 1233 19.89 -26.18 -23.11
N ARG A 1234 19.41 -27.09 -22.27
CA ARG A 1234 20.06 -28.37 -22.00
C ARG A 1234 19.69 -29.33 -23.11
N LEU A 1235 20.49 -29.30 -24.18
CA LEU A 1235 20.18 -30.03 -25.40
C LEU A 1235 20.09 -31.53 -25.15
N ASN A 1236 20.69 -32.03 -24.08
CA ASN A 1236 20.53 -33.44 -23.73
C ASN A 1236 19.07 -33.76 -23.40
N THR A 1237 18.26 -32.74 -23.11
CA THR A 1237 16.85 -32.97 -22.83
C THR A 1237 16.04 -33.19 -24.10
N ILE A 1238 16.55 -32.74 -25.25
CA ILE A 1238 15.82 -32.79 -26.50
C ILE A 1238 16.55 -33.58 -27.57
N ILE A 1239 17.75 -34.06 -27.29
CA ILE A 1239 18.54 -34.74 -28.31
C ILE A 1239 17.86 -36.01 -28.83
N ASP A 1240 16.90 -36.56 -28.08
CA ASP A 1240 16.12 -37.71 -28.54
C ASP A 1240 14.78 -37.29 -29.12
N SER A 1241 14.66 -36.06 -29.60
CA SER A 1241 13.48 -35.64 -30.35
C SER A 1241 13.47 -36.33 -31.72
N ASP A 1242 12.32 -36.23 -32.40
CA ASP A 1242 12.24 -36.70 -33.77
C ASP A 1242 12.77 -35.65 -34.75
N LYS A 1243 12.50 -34.38 -34.49
CA LYS A 1243 13.02 -33.28 -35.29
C LYS A 1243 13.26 -32.11 -34.36
N ILE A 1244 14.08 -31.16 -34.83
CA ILE A 1244 14.41 -29.97 -34.05
C ILE A 1244 14.23 -28.74 -34.92
N MET A 1245 13.67 -27.69 -34.34
CA MET A 1245 13.51 -26.41 -35.00
C MET A 1245 14.57 -25.46 -34.49
N VAL A 1246 15.29 -24.81 -35.40
CA VAL A 1246 16.30 -23.84 -35.05
C VAL A 1246 15.87 -22.48 -35.61
N LEU A 1247 15.67 -21.52 -34.73
CA LEU A 1247 15.35 -20.14 -35.12
C LEU A 1247 16.63 -19.33 -35.15
N ASP A 1248 16.96 -18.79 -36.32
CA ASP A 1248 18.16 -17.97 -36.45
C ASP A 1248 17.93 -16.57 -35.89
N SER A 1249 16.95 -15.86 -36.44
CA SER A 1249 16.48 -14.60 -35.86
C SER A 1249 15.08 -14.32 -36.38
N GLY A 1250 14.09 -14.98 -35.80
CA GLY A 1250 12.74 -14.89 -36.30
C GLY A 1250 12.50 -15.66 -37.59
N ARG A 1251 13.44 -16.50 -38.00
CA ARG A 1251 13.32 -17.28 -39.22
C ARG A 1251 13.58 -18.75 -38.90
N LEU A 1252 12.65 -19.61 -39.30
CA LEU A 1252 12.87 -21.05 -39.18
C LEU A 1252 13.85 -21.50 -40.24
N LYS A 1253 15.14 -21.45 -39.93
CA LYS A 1253 16.16 -21.83 -40.91
C LYS A 1253 16.43 -23.33 -40.95
N GLU A 1254 16.14 -24.05 -39.87
CA GLU A 1254 16.40 -25.48 -39.82
C GLU A 1254 15.24 -26.21 -39.18
N TYR A 1255 14.87 -27.35 -39.77
CA TYR A 1255 13.84 -28.22 -39.22
C TYR A 1255 14.06 -29.61 -39.83
N ASP A 1256 14.73 -30.49 -39.09
CA ASP A 1256 15.05 -31.80 -39.64
C ASP A 1256 15.41 -32.77 -38.52
N GLU A 1257 15.64 -34.02 -38.92
CA GLU A 1257 16.08 -35.06 -38.01
C GLU A 1257 17.39 -34.64 -37.32
N PRO A 1258 17.49 -34.77 -35.99
CA PRO A 1258 18.71 -34.26 -35.32
C PRO A 1258 20.00 -34.86 -35.85
N TYR A 1259 20.04 -36.17 -36.14
CA TYR A 1259 21.26 -36.75 -36.69
C TYR A 1259 21.53 -36.22 -38.09
N VAL A 1260 20.48 -36.03 -38.89
CA VAL A 1260 20.66 -35.49 -40.23
C VAL A 1260 21.17 -34.06 -40.17
N LEU A 1261 20.68 -33.27 -39.21
CA LEU A 1261 21.23 -31.93 -38.98
C LEU A 1261 22.69 -32.01 -38.57
N LEU A 1262 22.97 -32.73 -37.48
CA LEU A 1262 24.31 -32.71 -36.91
C LEU A 1262 25.36 -33.25 -37.87
N GLN A 1263 24.98 -34.18 -38.75
CA GLN A 1263 25.93 -34.65 -39.75
C GLN A 1263 26.26 -33.58 -40.77
N ASN A 1264 25.39 -32.57 -40.94
CA ASN A 1264 25.78 -31.34 -41.63
C ASN A 1264 26.51 -30.46 -40.63
N ARG A 1265 27.85 -30.49 -40.68
CA ARG A 1265 28.65 -29.75 -39.72
C ARG A 1265 28.40 -28.25 -39.79
N ASP A 1266 27.76 -27.77 -40.87
CA ASP A 1266 27.44 -26.36 -41.01
C ASP A 1266 26.07 -26.00 -40.44
N SER A 1267 25.33 -26.96 -39.89
CA SER A 1267 24.02 -26.63 -39.32
C SER A 1267 24.19 -25.73 -38.10
N LEU A 1268 23.23 -24.82 -37.93
CA LEU A 1268 23.23 -23.96 -36.76
C LEU A 1268 23.13 -24.77 -35.48
N PHE A 1269 22.35 -25.86 -35.53
CA PHE A 1269 22.27 -26.75 -34.37
C PHE A 1269 23.62 -27.35 -34.04
N TYR A 1270 24.38 -27.75 -35.06
CA TYR A 1270 25.72 -28.29 -34.80
C TYR A 1270 26.63 -27.23 -34.21
N LYS A 1271 26.53 -25.99 -34.69
CA LYS A 1271 27.30 -24.91 -34.09
C LYS A 1271 26.94 -24.75 -32.62
N MET A 1272 25.65 -24.87 -32.29
CA MET A 1272 25.21 -24.67 -30.91
C MET A 1272 25.72 -25.80 -30.01
N VAL A 1273 25.75 -27.04 -30.50
CA VAL A 1273 26.29 -28.12 -29.69
C VAL A 1273 27.81 -27.98 -29.57
N GLN A 1274 28.47 -27.54 -30.65
CA GLN A 1274 29.92 -27.37 -30.59
C GLN A 1274 30.31 -26.30 -29.58
N GLN A 1275 29.52 -25.24 -29.49
CA GLN A 1275 29.74 -24.21 -28.47
C GLN A 1275 29.81 -24.81 -27.07
N LEU A 1276 29.08 -25.89 -26.83
CA LEU A 1276 29.11 -26.53 -25.52
C LEU A 1276 30.48 -27.11 -25.23
N GLY A 1277 31.02 -27.86 -26.18
CA GLY A 1277 32.31 -28.51 -26.01
C GLY A 1277 32.39 -29.76 -26.86
N LYS A 1278 33.63 -30.21 -27.10
CA LYS A 1278 33.84 -31.33 -28.00
C LYS A 1278 33.29 -32.63 -27.41
N ALA A 1279 33.49 -32.85 -26.11
CA ALA A 1279 32.94 -34.07 -25.49
C ALA A 1279 31.42 -34.02 -25.43
N GLU A 1280 30.86 -32.86 -25.08
CA GLU A 1280 29.40 -32.69 -25.12
C GLU A 1280 28.86 -32.95 -26.51
N ALA A 1281 29.46 -32.33 -27.53
CA ALA A 1281 29.00 -32.55 -28.89
C ALA A 1281 29.16 -34.01 -29.30
N ALA A 1282 30.25 -34.64 -28.88
CA ALA A 1282 30.43 -36.06 -29.21
C ALA A 1282 29.31 -36.89 -28.58
N ALA A 1283 28.99 -36.63 -27.31
CA ALA A 1283 27.92 -37.37 -26.65
C ALA A 1283 26.58 -37.12 -27.34
N LEU A 1284 26.28 -35.85 -27.63
CA LEU A 1284 25.02 -35.50 -28.27
C LEU A 1284 24.90 -36.14 -29.65
N THR A 1285 25.97 -36.07 -30.45
CA THR A 1285 25.93 -36.66 -31.78
C THR A 1285 25.81 -38.18 -31.71
N GLU A 1286 26.53 -38.81 -30.79
CA GLU A 1286 26.41 -40.26 -30.63
C GLU A 1286 24.99 -40.65 -30.23
N THR A 1287 24.40 -39.91 -29.29
CA THR A 1287 23.03 -40.21 -28.86
C THR A 1287 22.05 -40.04 -30.03
N ALA A 1288 22.16 -38.91 -30.74
CA ALA A 1288 21.29 -38.70 -31.90
C ALA A 1288 21.48 -39.80 -32.93
N LYS A 1289 22.73 -40.17 -33.20
CA LYS A 1289 23.01 -41.20 -34.20
C LYS A 1289 22.36 -42.53 -33.81
N GLN A 1290 22.54 -42.94 -32.55
CA GLN A 1290 22.02 -44.24 -32.13
C GLN A 1290 20.50 -44.25 -32.10
N VAL A 1291 19.86 -43.18 -31.62
CA VAL A 1291 18.41 -43.16 -31.60
C VAL A 1291 17.85 -43.06 -33.01
N TYR A 1292 18.56 -42.35 -33.90
CA TYR A 1292 18.14 -42.31 -35.30
C TYR A 1292 18.22 -43.68 -35.94
N PHE A 1293 19.31 -44.40 -35.70
CA PHE A 1293 19.40 -45.79 -36.16
C PHE A 1293 18.22 -46.60 -35.65
N LYS A 1294 18.00 -46.59 -34.34
CA LYS A 1294 16.95 -47.42 -33.75
C LYS A 1294 15.56 -47.01 -34.24
N ARG A 1295 15.35 -45.73 -34.55
CA ARG A 1295 14.06 -45.31 -35.07
C ARG A 1295 13.89 -45.66 -36.54
N ASN A 1296 15.00 -45.91 -37.25
CA ASN A 1296 14.93 -46.44 -38.61
C ASN A 1296 14.79 -47.95 -38.62
N TYR A 1297 15.20 -48.64 -37.56
CA TYR A 1297 15.21 -50.10 -37.48
C TYR A 1297 13.82 -50.74 -37.29
N PRO A 1298 12.86 -50.06 -36.65
CA PRO A 1298 11.74 -50.88 -36.16
C PRO A 1298 10.87 -51.47 -37.26
#